data_2JPM
#
_entry.id   2JPM
#
_cell.length_a   1.000
_cell.length_b   1.000
_cell.length_c   1.000
_cell.angle_alpha   90.00
_cell.angle_beta   90.00
_cell.angle_gamma   90.00
#
_symmetry.space_group_name_H-M   'P 1'
#
_entity_poly.entity_id   1
_entity_poly.type   'polypeptide(L)'
_entity_poly.pdbx_seq_one_letter_code
;KKWGWLAWVDPAYEFIKGFGKGAIKEGNKDKWKNI
;
_entity_poly.pdbx_strand_id   A
#
# COMPACT_ATOMS: atom_id res chain seq x y z
N LYS A 1 -21.55 3.52 10.57
CA LYS A 1 -20.29 3.68 9.86
C LYS A 1 -19.26 2.65 10.35
N LYS A 2 -19.67 1.39 10.44
CA LYS A 2 -18.79 0.33 10.89
C LYS A 2 -17.71 0.04 9.86
N TRP A 3 -16.46 0.28 10.23
CA TRP A 3 -15.34 0.03 9.34
C TRP A 3 -14.87 -1.41 9.42
N GLY A 4 -15.05 -2.02 10.60
CA GLY A 4 -14.64 -3.40 10.78
C GLY A 4 -15.22 -4.33 9.73
N TRP A 5 -16.42 -4.02 9.26
CA TRP A 5 -17.08 -4.83 8.26
C TRP A 5 -16.53 -4.53 6.87
N LEU A 6 -16.14 -3.28 6.65
CA LEU A 6 -15.60 -2.86 5.36
C LEU A 6 -14.23 -3.52 5.10
N ALA A 7 -13.43 -3.62 6.15
CA ALA A 7 -12.10 -4.23 6.05
C ALA A 7 -12.21 -5.70 5.66
N TRP A 8 -13.35 -6.31 5.97
CA TRP A 8 -13.58 -7.72 5.66
C TRP A 8 -14.18 -7.87 4.26
N VAL A 9 -14.23 -6.77 3.51
CA VAL A 9 -14.78 -6.79 2.16
C VAL A 9 -13.71 -7.20 1.15
N ASP A 10 -12.51 -6.68 1.31
CA ASP A 10 -11.41 -7.00 0.42
C ASP A 10 -10.11 -6.36 0.88
N PRO A 11 -9.53 -6.91 1.96
CA PRO A 11 -8.28 -6.41 2.54
C PRO A 11 -7.08 -6.67 1.64
N ALA A 12 -7.13 -7.77 0.90
CA ALA A 12 -6.04 -8.14 0.01
C ALA A 12 -5.87 -7.11 -1.11
N TYR A 13 -7.00 -6.68 -1.68
CA TYR A 13 -6.99 -5.70 -2.76
C TYR A 13 -6.16 -4.47 -2.35
N GLU A 14 -6.64 -3.76 -1.33
CA GLU A 14 -5.94 -2.56 -0.85
C GLU A 14 -4.52 -2.90 -0.42
N PHE A 15 -4.33 -4.11 0.11
CA PHE A 15 -3.03 -4.55 0.58
C PHE A 15 -2.04 -4.63 -0.58
N ILE A 16 -2.54 -5.02 -1.74
CA ILE A 16 -1.70 -5.14 -2.94
C ILE A 16 -1.29 -3.77 -3.46
N LYS A 17 -2.23 -2.83 -3.41
CA LYS A 17 -1.97 -1.47 -3.89
C LYS A 17 -1.14 -0.69 -2.88
N GLY A 18 -1.23 -1.08 -1.61
CA GLY A 18 -0.48 -0.41 -0.57
C GLY A 18 1.01 -0.34 -0.88
N PHE A 19 1.49 -1.30 -1.67
CA PHE A 19 2.89 -1.34 -2.04
C PHE A 19 3.17 -2.46 -3.03
N GLY A 20 4.26 -2.35 -3.76
CA GLY A 20 4.62 -3.38 -4.73
C GLY A 20 4.27 -2.96 -6.15
N LYS A 21 4.67 -1.75 -6.53
CA LYS A 21 4.41 -1.24 -7.87
C LYS A 21 5.04 0.12 -8.07
N GLY A 22 5.06 0.92 -7.01
CA GLY A 22 5.64 2.26 -7.09
C GLY A 22 5.63 2.97 -5.75
N ALA A 23 4.61 2.72 -4.95
CA ALA A 23 4.48 3.34 -3.64
C ALA A 23 5.73 3.09 -2.80
N ILE A 24 5.98 1.83 -2.48
CA ILE A 24 7.14 1.46 -1.68
C ILE A 24 8.43 1.56 -2.50
N LYS A 25 8.31 1.32 -3.80
CA LYS A 25 9.47 1.39 -4.69
C LYS A 25 10.08 2.78 -4.69
N GLU A 26 9.24 3.79 -4.91
CA GLU A 26 9.70 5.17 -4.94
C GLU A 26 9.98 5.69 -3.54
N GLY A 27 9.65 4.86 -2.54
CA GLY A 27 9.87 5.24 -1.16
C GLY A 27 11.21 4.78 -0.64
N ASN A 28 11.58 3.55 -0.96
CA ASN A 28 12.86 2.99 -0.52
C ASN A 28 14.00 3.49 -1.40
N LYS A 29 13.72 3.67 -2.69
CA LYS A 29 14.73 4.14 -3.63
C LYS A 29 14.94 5.65 -3.49
N ASP A 30 13.92 6.33 -2.97
CA ASP A 30 14.00 7.77 -2.78
C ASP A 30 15.21 8.15 -1.92
N LYS A 31 15.63 7.22 -1.07
CA LYS A 31 16.76 7.45 -0.18
C LYS A 31 18.07 7.18 -0.90
N TRP A 32 18.06 6.18 -1.79
CA TRP A 32 19.25 5.82 -2.53
C TRP A 32 19.87 7.03 -3.21
N LYS A 33 19.01 7.97 -3.61
CA LYS A 33 19.46 9.19 -4.28
C LYS A 33 19.81 10.27 -3.25
N ASN A 34 19.14 10.23 -2.11
CA ASN A 34 19.38 11.21 -1.04
C ASN A 34 19.20 12.63 -1.57
N ILE A 35 18.40 12.78 -2.61
CA ILE A 35 18.13 14.08 -3.20
C ILE A 35 16.74 14.15 -3.79
N LYS A 1 -8.56 8.49 3.30
CA LYS A 1 -7.72 9.19 4.26
C LYS A 1 -6.44 8.40 4.54
N LYS A 2 -6.52 7.09 4.38
CA LYS A 2 -5.37 6.22 4.62
C LYS A 2 -5.63 4.81 4.08
N TRP A 3 -4.68 3.91 4.33
CA TRP A 3 -4.81 2.53 3.88
C TRP A 3 -5.70 1.72 4.82
N GLY A 4 -5.77 2.15 6.07
CA GLY A 4 -6.58 1.45 7.05
C GLY A 4 -8.00 1.26 6.58
N TRP A 5 -8.50 2.20 5.79
CA TRP A 5 -9.87 2.13 5.28
C TRP A 5 -9.95 1.19 4.09
N LEU A 6 -8.87 1.13 3.31
CA LEU A 6 -8.82 0.26 2.14
C LEU A 6 -8.59 -1.19 2.54
N ALA A 7 -7.96 -1.38 3.71
CA ALA A 7 -7.69 -2.73 4.21
C ALA A 7 -8.99 -3.50 4.43
N TRP A 8 -10.08 -2.78 4.64
CA TRP A 8 -11.38 -3.41 4.87
C TRP A 8 -12.17 -3.51 3.57
N VAL A 9 -11.67 -2.84 2.53
CA VAL A 9 -12.33 -2.86 1.23
C VAL A 9 -12.05 -4.17 0.50
N ASP A 10 -10.80 -4.60 0.52
CA ASP A 10 -10.40 -5.83 -0.14
C ASP A 10 -8.98 -6.23 0.25
N PRO A 11 -8.81 -6.71 1.49
CA PRO A 11 -7.52 -7.12 2.00
C PRO A 11 -7.00 -8.40 1.33
N ALA A 12 -7.93 -9.27 0.95
CA ALA A 12 -7.58 -10.53 0.31
C ALA A 12 -6.89 -10.28 -1.04
N TYR A 13 -7.45 -9.35 -1.80
CA TYR A 13 -6.90 -9.01 -3.12
C TYR A 13 -5.41 -8.72 -3.02
N GLU A 14 -5.07 -7.65 -2.30
CA GLU A 14 -3.68 -7.25 -2.13
C GLU A 14 -2.87 -8.37 -1.48
N PHE A 15 -3.52 -9.14 -0.61
CA PHE A 15 -2.87 -10.23 0.09
C PHE A 15 -2.42 -11.31 -0.90
N ILE A 16 -3.22 -11.52 -1.94
CA ILE A 16 -2.90 -12.51 -2.95
C ILE A 16 -1.73 -12.06 -3.82
N LYS A 17 -1.69 -10.77 -4.14
CA LYS A 17 -0.63 -10.22 -4.96
C LYS A 17 0.65 -10.05 -4.15
N GLY A 18 0.62 -9.16 -3.16
CA GLY A 18 1.78 -8.91 -2.33
C GLY A 18 2.48 -7.62 -2.66
N PHE A 19 2.46 -7.25 -3.94
CA PHE A 19 3.10 -6.02 -4.40
C PHE A 19 2.86 -5.79 -5.89
N GLY A 20 3.00 -4.55 -6.32
CA GLY A 20 2.79 -4.22 -7.71
C GLY A 20 1.43 -3.58 -7.97
N LYS A 21 1.10 -2.57 -7.16
CA LYS A 21 -0.18 -1.89 -7.30
C LYS A 21 -0.28 -0.73 -6.31
N GLY A 22 0.29 -0.92 -5.12
CA GLY A 22 0.26 0.12 -4.11
C GLY A 22 1.03 -0.27 -2.86
N ALA A 23 1.02 -1.56 -2.54
CA ALA A 23 1.73 -2.05 -1.36
C ALA A 23 3.20 -1.65 -1.38
N ILE A 24 3.92 -2.15 -2.38
CA ILE A 24 5.34 -1.84 -2.52
C ILE A 24 5.54 -0.42 -3.04
N LYS A 25 4.59 0.06 -3.83
CA LYS A 25 4.66 1.40 -4.39
C LYS A 25 4.69 2.46 -3.27
N GLU A 26 3.72 2.36 -2.37
CA GLU A 26 3.63 3.30 -1.26
C GLU A 26 4.69 3.01 -0.21
N GLY A 27 5.41 1.91 -0.39
CA GLY A 27 6.46 1.52 0.54
C GLY A 27 7.82 2.08 0.16
N ASN A 28 8.15 2.00 -1.12
CA ASN A 28 9.42 2.50 -1.62
C ASN A 28 9.39 4.01 -1.79
N LYS A 29 8.23 4.54 -2.19
CA LYS A 29 8.07 5.97 -2.39
C LYS A 29 7.91 6.69 -1.06
N ASP A 30 7.46 5.95 -0.04
CA ASP A 30 7.26 6.52 1.29
C ASP A 30 8.56 7.13 1.81
N LYS A 31 9.68 6.62 1.32
CA LYS A 31 10.98 7.13 1.75
C LYS A 31 11.37 8.36 0.95
N TRP A 32 11.00 8.39 -0.33
CA TRP A 32 11.30 9.52 -1.19
C TRP A 32 10.88 10.83 -0.56
N LYS A 33 9.83 10.78 0.26
CA LYS A 33 9.33 11.97 0.94
C LYS A 33 10.42 12.61 1.79
N ASN A 34 11.29 11.78 2.35
CA ASN A 34 12.37 12.27 3.19
C ASN A 34 11.84 13.13 4.33
N ILE A 35 10.60 12.88 4.72
CA ILE A 35 9.96 13.63 5.80
C ILE A 35 10.07 15.13 5.56
N LYS A 1 -20.67 1.67 6.48
CA LYS A 1 -21.31 0.89 7.53
C LYS A 1 -20.75 -0.54 7.57
N LYS A 2 -21.01 -1.29 6.50
CA LYS A 2 -20.53 -2.67 6.40
C LYS A 2 -19.14 -2.71 5.81
N TRP A 3 -18.80 -1.71 5.00
CA TRP A 3 -17.49 -1.64 4.36
C TRP A 3 -16.45 -1.13 5.35
N GLY A 4 -16.87 -0.27 6.27
CA GLY A 4 -15.94 0.26 7.26
C GLY A 4 -15.22 -0.81 8.03
N TRP A 5 -15.89 -1.94 8.23
CA TRP A 5 -15.30 -3.06 8.97
C TRP A 5 -14.35 -3.85 8.07
N LEU A 6 -14.66 -3.91 6.78
CA LEU A 6 -13.83 -4.63 5.83
C LEU A 6 -12.49 -3.94 5.64
N ALA A 7 -12.51 -2.60 5.60
CA ALA A 7 -11.30 -1.82 5.42
C ALA A 7 -10.35 -2.01 6.60
N TRP A 8 -10.90 -2.38 7.75
CA TRP A 8 -10.11 -2.60 8.94
C TRP A 8 -9.61 -4.04 9.02
N VAL A 9 -9.83 -4.79 7.95
CA VAL A 9 -9.40 -6.18 7.89
C VAL A 9 -7.94 -6.30 7.45
N ASP A 10 -7.56 -5.50 6.47
CA ASP A 10 -6.19 -5.50 5.96
C ASP A 10 -6.02 -4.48 4.85
N PRO A 11 -5.99 -3.19 5.23
CA PRO A 11 -5.83 -2.09 4.27
C PRO A 11 -4.43 -2.05 3.66
N ALA A 12 -3.44 -2.45 4.45
CA ALA A 12 -2.06 -2.45 3.99
C ALA A 12 -1.87 -3.41 2.83
N TYR A 13 -2.44 -4.60 2.95
CA TYR A 13 -2.35 -5.61 1.89
C TYR A 13 -2.73 -5.03 0.54
N GLU A 14 -3.99 -4.63 0.42
CA GLU A 14 -4.49 -4.06 -0.83
C GLU A 14 -3.70 -2.80 -1.20
N PHE A 15 -3.25 -2.07 -0.20
CA PHE A 15 -2.48 -0.85 -0.43
C PHE A 15 -1.16 -1.16 -1.12
N ILE A 16 -0.58 -2.31 -0.79
CA ILE A 16 0.69 -2.72 -1.39
C ILE A 16 0.50 -3.14 -2.84
N LYS A 17 -0.60 -3.82 -3.11
CA LYS A 17 -0.91 -4.29 -4.46
C LYS A 17 -1.40 -3.14 -5.33
N GLY A 18 -1.98 -2.12 -4.69
CA GLY A 18 -2.48 -0.98 -5.42
C GLY A 18 -1.38 -0.01 -5.81
N PHE A 19 -0.38 -0.50 -6.54
CA PHE A 19 0.74 0.33 -6.97
C PHE A 19 0.26 1.47 -7.87
N GLY A 20 1.01 2.56 -7.90
CA GLY A 20 0.66 3.69 -8.72
C GLY A 20 -0.02 4.80 -7.92
N LYS A 21 0.57 5.13 -6.77
CA LYS A 21 0.03 6.18 -5.91
C LYS A 21 0.93 6.41 -4.69
N GLY A 22 1.53 5.32 -4.20
CA GLY A 22 2.40 5.43 -3.05
C GLY A 22 3.06 4.10 -2.70
N ALA A 23 2.33 3.01 -2.92
CA ALA A 23 2.85 1.68 -2.62
C ALA A 23 4.20 1.46 -3.29
N ILE A 24 4.21 1.50 -4.62
CA ILE A 24 5.44 1.31 -5.37
C ILE A 24 6.30 2.56 -5.37
N LYS A 25 5.65 3.71 -5.28
CA LYS A 25 6.36 4.99 -5.26
C LYS A 25 7.30 5.07 -4.05
N GLU A 26 6.77 4.78 -2.87
CA GLU A 26 7.56 4.82 -1.65
C GLU A 26 8.47 3.60 -1.56
N GLY A 27 8.32 2.67 -2.50
CA GLY A 27 9.13 1.47 -2.50
C GLY A 27 10.35 1.59 -3.40
N ASN A 28 10.13 2.08 -4.62
CA ASN A 28 11.22 2.24 -5.58
C ASN A 28 12.12 3.41 -5.19
N LYS A 29 11.52 4.44 -4.61
CA LYS A 29 12.26 5.62 -4.18
C LYS A 29 13.02 5.35 -2.89
N ASP A 30 12.51 4.41 -2.10
CA ASP A 30 13.14 4.05 -0.83
C ASP A 30 14.59 3.63 -1.04
N LYS A 31 14.88 3.14 -2.24
CA LYS A 31 16.23 2.69 -2.57
C LYS A 31 17.10 3.87 -3.02
N TRP A 32 16.48 4.82 -3.71
CA TRP A 32 17.20 6.00 -4.18
C TRP A 32 17.97 6.67 -3.04
N LYS A 33 17.44 6.55 -1.83
CA LYS A 33 18.07 7.15 -0.66
C LYS A 33 19.49 6.62 -0.49
N ASN A 34 19.70 5.36 -0.86
CA ASN A 34 21.02 4.74 -0.75
C ASN A 34 21.77 4.82 -2.07
N ILE A 35 21.54 5.90 -2.81
CA ILE A 35 22.20 6.09 -4.09
C ILE A 35 21.95 4.92 -5.04
N LYS A 1 -21.46 -1.20 14.89
CA LYS A 1 -20.24 -1.10 14.08
C LYS A 1 -20.19 -2.20 13.03
N LYS A 2 -20.02 -3.44 13.49
CA LYS A 2 -19.94 -4.58 12.59
C LYS A 2 -18.74 -4.47 11.67
N TRP A 3 -17.70 -5.25 11.96
CA TRP A 3 -16.49 -5.24 11.15
C TRP A 3 -16.75 -5.81 9.76
N GLY A 4 -17.71 -6.73 9.68
CA GLY A 4 -18.04 -7.34 8.40
C GLY A 4 -18.34 -6.31 7.33
N TRP A 5 -18.85 -5.16 7.74
CA TRP A 5 -19.18 -4.09 6.80
C TRP A 5 -17.92 -3.53 6.14
N LEU A 6 -16.82 -3.55 6.90
CA LEU A 6 -15.55 -3.04 6.40
C LEU A 6 -14.89 -4.05 5.46
N ALA A 7 -15.09 -5.34 5.74
CA ALA A 7 -14.52 -6.40 4.93
C ALA A 7 -15.03 -6.32 3.50
N TRP A 8 -16.25 -5.82 3.33
CA TRP A 8 -16.86 -5.69 2.01
C TRP A 8 -16.07 -4.72 1.14
N VAL A 9 -15.57 -3.65 1.76
CA VAL A 9 -14.80 -2.65 1.03
C VAL A 9 -13.47 -3.22 0.55
N ASP A 10 -12.96 -4.21 1.28
CA ASP A 10 -11.69 -4.84 0.93
C ASP A 10 -10.54 -3.85 1.05
N PRO A 11 -10.23 -3.45 2.30
CA PRO A 11 -9.15 -2.50 2.57
C PRO A 11 -7.77 -3.10 2.33
N ALA A 12 -7.64 -4.40 2.59
CA ALA A 12 -6.38 -5.10 2.39
C ALA A 12 -5.92 -5.01 0.93
N TYR A 13 -6.84 -5.29 0.02
CA TYR A 13 -6.53 -5.25 -1.41
C TYR A 13 -5.88 -3.93 -1.78
N GLU A 14 -6.63 -2.84 -1.64
CA GLU A 14 -6.12 -1.51 -1.97
C GLU A 14 -4.87 -1.19 -1.16
N PHE A 15 -4.81 -1.71 0.06
CA PHE A 15 -3.67 -1.48 0.93
C PHE A 15 -2.41 -2.11 0.36
N ILE A 16 -2.57 -3.26 -0.28
CA ILE A 16 -1.44 -3.96 -0.88
C ILE A 16 -0.92 -3.23 -2.11
N LYS A 17 -1.84 -2.68 -2.90
CA LYS A 17 -1.48 -1.94 -4.10
C LYS A 17 -0.95 -0.55 -3.74
N GLY A 18 -1.42 -0.02 -2.62
CA GLY A 18 -0.99 1.30 -2.19
C GLY A 18 0.52 1.39 -2.03
N PHE A 19 1.16 0.25 -1.76
CA PHE A 19 2.60 0.21 -1.58
C PHE A 19 3.08 -1.23 -1.43
N GLY A 20 4.35 -1.45 -1.75
CA GLY A 20 4.92 -2.79 -1.64
C GLY A 20 4.97 -3.50 -2.97
N LYS A 21 5.54 -2.84 -3.98
CA LYS A 21 5.66 -3.42 -5.30
C LYS A 21 6.41 -2.49 -6.24
N GLY A 22 6.21 -1.18 -6.06
CA GLY A 22 6.87 -0.20 -6.90
C GLY A 22 6.57 1.22 -6.48
N ALA A 23 5.36 1.45 -5.98
CA ALA A 23 4.94 2.78 -5.54
C ALA A 23 5.92 3.33 -4.50
N ILE A 24 6.00 2.67 -3.36
CA ILE A 24 6.89 3.09 -2.29
C ILE A 24 8.35 2.78 -2.63
N LYS A 25 8.55 1.71 -3.39
CA LYS A 25 9.90 1.31 -3.79
C LYS A 25 10.57 2.40 -4.62
N GLU A 26 9.88 2.86 -5.65
CA GLU A 26 10.42 3.91 -6.52
C GLU A 26 10.36 5.26 -5.83
N GLY A 27 9.74 5.30 -4.66
CA GLY A 27 9.62 6.55 -3.92
C GLY A 27 10.76 6.75 -2.94
N ASN A 28 11.12 5.69 -2.22
CA ASN A 28 12.20 5.75 -1.25
C ASN A 28 13.56 5.67 -1.93
N LYS A 29 13.63 4.89 -3.01
CA LYS A 29 14.87 4.72 -3.76
C LYS A 29 15.13 5.93 -4.65
N ASP A 30 14.07 6.65 -4.99
CA ASP A 30 14.17 7.84 -5.84
C ASP A 30 15.13 8.85 -5.22
N LYS A 31 15.26 8.82 -3.91
CA LYS A 31 16.15 9.74 -3.20
C LYS A 31 17.58 9.22 -3.19
N TRP A 32 17.73 7.90 -3.12
CA TRP A 32 19.04 7.27 -3.11
C TRP A 32 19.89 7.78 -4.27
N LYS A 33 19.23 8.12 -5.37
CA LYS A 33 19.93 8.61 -6.56
C LYS A 33 20.75 9.85 -6.24
N ASN A 34 20.25 10.66 -5.30
CA ASN A 34 20.94 11.88 -4.89
C ASN A 34 21.77 11.65 -3.63
N ILE A 35 22.30 10.43 -3.50
CA ILE A 35 23.11 10.08 -2.34
C ILE A 35 22.29 10.16 -1.05
N LYS A 1 -13.15 6.47 9.56
CA LYS A 1 -12.06 5.60 9.10
C LYS A 1 -12.45 4.87 7.83
N LYS A 2 -12.12 5.45 6.69
CA LYS A 2 -12.43 4.84 5.39
C LYS A 2 -11.46 3.71 5.08
N TRP A 3 -10.22 3.85 5.55
CA TRP A 3 -9.20 2.83 5.31
C TRP A 3 -9.53 1.54 6.06
N GLY A 4 -10.19 1.69 7.20
CA GLY A 4 -10.55 0.51 7.99
C GLY A 4 -11.60 -0.34 7.30
N TRP A 5 -12.49 0.29 6.56
CA TRP A 5 -13.55 -0.43 5.85
C TRP A 5 -13.01 -1.05 4.57
N LEU A 6 -12.06 -0.37 3.94
CA LEU A 6 -11.46 -0.87 2.70
C LEU A 6 -10.65 -2.14 2.95
N ALA A 7 -10.17 -2.29 4.18
CA ALA A 7 -9.38 -3.45 4.56
C ALA A 7 -10.24 -4.70 4.62
N TRP A 8 -11.55 -4.51 4.77
CA TRP A 8 -12.49 -5.63 4.85
C TRP A 8 -13.07 -5.95 3.47
N VAL A 9 -12.85 -5.04 2.53
CA VAL A 9 -13.36 -5.22 1.17
C VAL A 9 -12.66 -6.39 0.47
N ASP A 10 -11.34 -6.44 0.61
CA ASP A 10 -10.54 -7.50 -0.01
C ASP A 10 -9.09 -7.41 0.43
N PRO A 11 -8.83 -7.75 1.70
CA PRO A 11 -7.48 -7.72 2.27
C PRO A 11 -6.58 -8.81 1.70
N ALA A 12 -7.18 -9.94 1.36
CA ALA A 12 -6.44 -11.06 0.79
C ALA A 12 -5.80 -10.68 -0.53
N TYR A 13 -6.57 -10.01 -1.39
CA TYR A 13 -6.08 -9.59 -2.69
C TYR A 13 -4.76 -8.84 -2.56
N GLU A 14 -4.81 -7.68 -1.90
CA GLU A 14 -3.62 -6.86 -1.71
C GLU A 14 -2.54 -7.64 -0.96
N PHE A 15 -2.97 -8.52 -0.06
CA PHE A 15 -2.04 -9.32 0.72
C PHE A 15 -1.23 -10.25 -0.18
N ILE A 16 -1.86 -10.75 -1.25
CA ILE A 16 -1.20 -11.64 -2.18
C ILE A 16 -0.19 -10.90 -3.04
N LYS A 17 -0.54 -9.68 -3.43
CA LYS A 17 0.33 -8.85 -4.25
C LYS A 17 1.46 -8.26 -3.41
N GLY A 18 1.10 -7.42 -2.45
CA GLY A 18 2.08 -6.80 -1.59
C GLY A 18 2.55 -5.46 -2.12
N PHE A 19 1.76 -4.86 -3.02
CA PHE A 19 2.11 -3.58 -3.61
C PHE A 19 0.98 -3.07 -4.50
N GLY A 20 0.93 -1.75 -4.68
CA GLY A 20 -0.11 -1.16 -5.50
C GLY A 20 -1.23 -0.55 -4.68
N LYS A 21 -0.86 0.27 -3.70
CA LYS A 21 -1.84 0.92 -2.84
C LYS A 21 -1.16 1.87 -1.87
N GLY A 22 0.04 1.50 -1.41
CA GLY A 22 0.77 2.32 -0.48
C GLY A 22 2.13 1.76 -0.14
N ALA A 23 2.22 0.43 -0.11
CA ALA A 23 3.48 -0.24 0.21
C ALA A 23 4.60 0.23 -0.72
N ILE A 24 4.45 -0.04 -2.01
CA ILE A 24 5.45 0.36 -3.00
C ILE A 24 5.36 1.85 -3.28
N LYS A 25 4.17 2.41 -3.15
CA LYS A 25 3.97 3.84 -3.39
C LYS A 25 4.79 4.68 -2.43
N GLU A 26 4.67 4.37 -1.14
CA GLU A 26 5.41 5.11 -0.11
C GLU A 26 6.88 4.68 -0.08
N GLY A 27 7.21 3.67 -0.89
CA GLY A 27 8.57 3.18 -0.95
C GLY A 27 9.36 3.79 -2.08
N ASN A 28 8.76 3.83 -3.26
CA ASN A 28 9.42 4.40 -4.44
C ASN A 28 9.47 5.91 -4.36
N LYS A 29 8.44 6.50 -3.77
CA LYS A 29 8.36 7.96 -3.62
C LYS A 29 9.28 8.44 -2.51
N ASP A 30 9.57 7.55 -1.57
CA ASP A 30 10.44 7.88 -0.44
C ASP A 30 11.90 7.67 -0.79
N LYS A 31 12.16 7.36 -2.06
CA LYS A 31 13.52 7.13 -2.53
C LYS A 31 14.30 8.43 -2.63
N TRP A 32 13.58 9.53 -2.81
CA TRP A 32 14.20 10.85 -2.92
C TRP A 32 15.11 11.12 -1.72
N LYS A 33 14.79 10.51 -0.59
CA LYS A 33 15.58 10.67 0.63
C LYS A 33 17.02 10.26 0.40
N ASN A 34 17.22 9.37 -0.58
CA ASN A 34 18.56 8.88 -0.90
C ASN A 34 19.23 9.77 -1.95
N ILE A 35 19.19 11.08 -1.71
CA ILE A 35 19.79 12.03 -2.63
C ILE A 35 21.30 12.17 -2.39
N LYS A 1 -18.82 4.49 7.07
CA LYS A 1 -17.38 4.68 6.98
C LYS A 1 -16.66 3.88 8.06
N LYS A 2 -16.36 2.61 7.76
CA LYS A 2 -15.67 1.74 8.70
C LYS A 2 -14.77 0.75 7.97
N TRP A 3 -13.47 1.00 8.02
CA TRP A 3 -12.49 0.14 7.36
C TRP A 3 -12.47 -1.24 8.02
N GLY A 4 -12.82 -1.29 9.29
CA GLY A 4 -12.83 -2.56 10.01
C GLY A 4 -13.89 -3.52 9.48
N TRP A 5 -14.93 -2.96 8.87
CA TRP A 5 -16.01 -3.77 8.32
C TRP A 5 -15.58 -4.45 7.02
N LEU A 6 -14.89 -3.70 6.17
CA LEU A 6 -14.42 -4.22 4.89
C LEU A 6 -13.12 -4.99 5.07
N ALA A 7 -12.46 -4.78 6.20
CA ALA A 7 -11.21 -5.46 6.49
C ALA A 7 -11.33 -6.97 6.29
N TRP A 8 -12.27 -7.58 6.98
CA TRP A 8 -12.51 -9.02 6.87
C TRP A 8 -13.24 -9.35 5.58
N VAL A 9 -13.70 -8.32 4.88
CA VAL A 9 -14.42 -8.51 3.62
C VAL A 9 -13.45 -8.67 2.46
N ASP A 10 -12.41 -7.84 2.42
CA ASP A 10 -11.42 -7.90 1.37
C ASP A 10 -10.09 -7.31 1.84
N PRO A 11 -9.39 -8.04 2.71
CA PRO A 11 -8.10 -7.61 3.26
C PRO A 11 -6.99 -7.63 2.21
N ALA A 12 -7.10 -8.56 1.27
CA ALA A 12 -6.10 -8.68 0.21
C ALA A 12 -6.12 -7.47 -0.71
N TYR A 13 -7.32 -7.00 -1.04
CA TYR A 13 -7.48 -5.85 -1.92
C TYR A 13 -6.64 -4.67 -1.41
N GLU A 14 -6.96 -4.19 -0.22
CA GLU A 14 -6.24 -3.06 0.37
C GLU A 14 -4.77 -3.41 0.56
N PHE A 15 -4.49 -4.69 0.84
CA PHE A 15 -3.13 -5.14 1.05
C PHE A 15 -2.29 -4.97 -0.21
N ILE A 16 -2.93 -5.15 -1.36
CA ILE A 16 -2.24 -5.01 -2.65
C ILE A 16 -1.95 -3.55 -2.96
N LYS A 17 -2.89 -2.67 -2.62
CA LYS A 17 -2.73 -1.24 -2.86
C LYS A 17 -1.79 -0.62 -1.84
N GLY A 18 -1.72 -1.23 -0.66
CA GLY A 18 -0.85 -0.73 0.39
C GLY A 18 0.60 -0.67 -0.04
N PHE A 19 1.05 -1.70 -0.73
CA PHE A 19 2.43 -1.78 -1.20
C PHE A 19 2.64 -3.00 -2.08
N GLY A 20 3.65 -2.93 -2.95
CA GLY A 20 3.95 -4.03 -3.84
C GLY A 20 3.42 -3.81 -5.24
N LYS A 21 3.72 -2.65 -5.80
CA LYS A 21 3.28 -2.31 -7.15
C LYS A 21 3.84 -0.96 -7.59
N GLY A 22 3.95 -0.04 -6.64
CA GLY A 22 4.48 1.29 -6.94
C GLY A 22 4.60 2.16 -5.71
N ALA A 23 3.68 1.98 -4.76
CA ALA A 23 3.69 2.76 -3.54
C ALA A 23 5.03 2.66 -2.83
N ILE A 24 5.38 1.46 -2.40
CA ILE A 24 6.65 1.22 -1.71
C ILE A 24 7.82 1.23 -2.70
N LYS A 25 7.55 0.83 -3.93
CA LYS A 25 8.58 0.80 -4.97
C LYS A 25 9.14 2.19 -5.23
N GLU A 26 8.24 3.15 -5.44
CA GLU A 26 8.64 4.52 -5.71
C GLU A 26 9.06 5.22 -4.42
N GLY A 27 8.90 4.53 -3.30
CA GLY A 27 9.26 5.10 -2.02
C GLY A 27 10.65 4.67 -1.56
N ASN A 28 10.95 3.38 -1.70
CA ASN A 28 12.24 2.85 -1.30
C ASN A 28 13.32 3.24 -2.31
N LYS A 29 12.93 3.31 -3.58
CA LYS A 29 13.87 3.66 -4.63
C LYS A 29 14.14 5.17 -4.65
N ASP A 30 13.20 5.94 -4.10
CA ASP A 30 13.34 7.39 -4.04
C ASP A 30 14.09 7.80 -2.78
N LYS A 31 14.60 6.82 -2.04
CA LYS A 31 15.34 7.08 -0.82
C LYS A 31 16.71 7.70 -1.13
N TRP A 32 17.23 7.37 -2.30
CA TRP A 32 18.54 7.89 -2.72
C TRP A 32 18.59 9.41 -2.60
N LYS A 33 17.43 10.05 -2.75
CA LYS A 33 17.35 11.50 -2.65
C LYS A 33 17.86 11.99 -1.30
N ASN A 34 17.81 11.12 -0.30
CA ASN A 34 18.28 11.46 1.04
C ASN A 34 19.77 11.15 1.19
N ILE A 35 20.61 11.89 0.49
CA ILE A 35 22.04 11.70 0.55
C ILE A 35 22.78 13.03 0.60
N LYS A 1 -9.74 6.50 9.78
CA LYS A 1 -11.01 6.84 9.15
C LYS A 1 -11.53 5.67 8.32
N LYS A 2 -10.62 4.89 7.76
CA LYS A 2 -10.98 3.74 6.94
C LYS A 2 -9.79 2.82 6.73
N TRP A 3 -9.03 2.60 7.80
CA TRP A 3 -7.85 1.73 7.73
C TRP A 3 -8.25 0.26 7.76
N GLY A 4 -9.38 -0.03 8.42
CA GLY A 4 -9.86 -1.39 8.51
C GLY A 4 -11.07 -1.64 7.64
N TRP A 5 -11.84 -0.58 7.38
CA TRP A 5 -13.04 -0.69 6.56
C TRP A 5 -12.69 -1.07 5.13
N LEU A 6 -11.59 -0.52 4.62
CA LEU A 6 -11.15 -0.80 3.27
C LEU A 6 -10.36 -2.10 3.20
N ALA A 7 -9.75 -2.47 4.32
CA ALA A 7 -8.97 -3.70 4.40
C ALA A 7 -9.89 -4.91 4.54
N TRP A 8 -11.09 -4.68 5.06
CA TRP A 8 -12.06 -5.75 5.25
C TRP A 8 -12.91 -5.96 3.99
N VAL A 9 -12.52 -5.29 2.91
CA VAL A 9 -13.25 -5.40 1.65
C VAL A 9 -12.71 -6.54 0.81
N ASP A 10 -11.39 -6.70 0.80
CA ASP A 10 -10.75 -7.76 0.03
C ASP A 10 -9.27 -7.84 0.36
N PRO A 11 -8.94 -8.38 1.55
CA PRO A 11 -7.55 -8.52 2.00
C PRO A 11 -6.80 -9.57 1.21
N ALA A 12 -7.51 -10.61 0.78
CA ALA A 12 -6.90 -11.70 0.01
C ALA A 12 -6.36 -11.19 -1.33
N TYR A 13 -7.15 -10.35 -2.00
CA TYR A 13 -6.75 -9.79 -3.29
C TYR A 13 -5.37 -9.17 -3.21
N GLU A 14 -5.24 -8.12 -2.39
CA GLU A 14 -3.96 -7.43 -2.23
C GLU A 14 -2.90 -8.38 -1.70
N PHE A 15 -3.32 -9.34 -0.88
CA PHE A 15 -2.41 -10.32 -0.30
C PHE A 15 -1.76 -11.18 -1.39
N ILE A 16 -2.54 -11.46 -2.44
CA ILE A 16 -2.04 -12.27 -3.54
C ILE A 16 -1.04 -11.50 -4.39
N LYS A 17 -1.33 -10.21 -4.60
CA LYS A 17 -0.46 -9.35 -5.39
C LYS A 17 0.79 -8.97 -4.60
N GLY A 18 0.59 -8.24 -3.51
CA GLY A 18 1.71 -7.81 -2.68
C GLY A 18 2.26 -6.47 -3.10
N PHE A 19 1.46 -5.70 -3.83
CA PHE A 19 1.87 -4.38 -4.29
C PHE A 19 0.71 -3.66 -4.98
N GLY A 20 0.73 -2.33 -4.93
CA GLY A 20 -0.32 -1.55 -5.54
C GLY A 20 -1.32 -1.02 -4.54
N LYS A 21 -0.83 -0.38 -3.49
CA LYS A 21 -1.69 0.17 -2.45
C LYS A 21 -0.87 0.92 -1.41
N GLY A 22 0.32 0.42 -1.12
CA GLY A 22 1.18 1.05 -0.15
C GLY A 22 2.59 0.48 -0.14
N ALA A 23 2.69 -0.83 -0.36
CA ALA A 23 3.98 -1.49 -0.39
C ALA A 23 4.89 -0.89 -1.44
N ILE A 24 4.40 -0.81 -2.67
CA ILE A 24 5.19 -0.25 -3.77
C ILE A 24 5.15 1.27 -3.75
N LYS A 25 4.05 1.82 -3.24
CA LYS A 25 3.89 3.28 -3.16
C LYS A 25 4.91 3.88 -2.19
N GLU A 26 4.99 3.31 -1.00
CA GLU A 26 5.92 3.79 0.01
C GLU A 26 7.34 3.36 -0.31
N GLY A 27 7.49 2.54 -1.35
CA GLY A 27 8.80 2.07 -1.74
C GLY A 27 9.44 2.94 -2.79
N ASN A 28 8.66 3.35 -3.79
CA ASN A 28 9.16 4.19 -4.86
C ASN A 28 9.24 5.64 -4.42
N LYS A 29 8.30 6.05 -3.58
CA LYS A 29 8.26 7.42 -3.07
C LYS A 29 9.30 7.62 -1.98
N ASP A 30 9.73 6.52 -1.38
CA ASP A 30 10.73 6.57 -0.31
C ASP A 30 12.04 7.16 -0.81
N LYS A 31 12.20 7.19 -2.14
CA LYS A 31 13.42 7.73 -2.75
C LYS A 31 13.60 9.20 -2.36
N TRP A 32 12.52 9.84 -1.95
CA TRP A 32 12.56 11.25 -1.55
C TRP A 32 13.66 11.48 -0.52
N LYS A 33 13.93 10.45 0.28
CA LYS A 33 14.96 10.55 1.32
C LYS A 33 16.31 10.93 0.72
N ASN A 34 16.49 10.61 -0.56
CA ASN A 34 17.74 10.93 -1.25
C ASN A 34 17.62 12.23 -2.04
N ILE A 35 16.72 13.11 -1.59
CA ILE A 35 16.51 14.38 -2.27
C ILE A 35 16.04 14.18 -3.70
N LYS A 1 -13.31 7.16 4.16
CA LYS A 1 -12.43 7.71 5.17
C LYS A 1 -11.82 6.61 6.03
N LYS A 2 -12.62 5.59 6.31
CA LYS A 2 -12.16 4.46 7.12
C LYS A 2 -11.46 3.42 6.25
N TRP A 3 -10.16 3.26 6.49
CA TRP A 3 -9.37 2.30 5.73
C TRP A 3 -9.69 0.87 6.15
N GLY A 4 -10.03 0.70 7.43
CA GLY A 4 -10.36 -0.62 7.94
C GLY A 4 -11.59 -1.21 7.28
N TRP A 5 -12.47 -0.34 6.78
CA TRP A 5 -13.69 -0.77 6.14
C TRP A 5 -13.38 -1.60 4.89
N LEU A 6 -12.28 -1.27 4.22
CA LEU A 6 -11.87 -1.98 3.02
C LEU A 6 -11.16 -3.29 3.37
N ALA A 7 -10.50 -3.29 4.53
CA ALA A 7 -9.78 -4.48 4.99
C ALA A 7 -10.72 -5.68 5.11
N TRP A 8 -12.00 -5.41 5.29
CA TRP A 8 -13.00 -6.47 5.42
C TRP A 8 -13.65 -6.76 4.08
N VAL A 9 -13.38 -5.93 3.09
CA VAL A 9 -13.94 -6.10 1.76
C VAL A 9 -13.17 -7.16 0.98
N ASP A 10 -11.85 -7.15 1.11
CA ASP A 10 -10.99 -8.12 0.42
C ASP A 10 -9.55 -8.00 0.89
N PRO A 11 -9.28 -8.48 2.12
CA PRO A 11 -7.95 -8.43 2.71
C PRO A 11 -6.98 -9.39 2.02
N ALA A 12 -7.51 -10.52 1.54
CA ALA A 12 -6.70 -11.51 0.86
C ALA A 12 -6.08 -10.94 -0.42
N TYR A 13 -6.90 -10.22 -1.19
CA TYR A 13 -6.44 -9.62 -2.44
C TYR A 13 -5.16 -8.83 -2.22
N GLU A 14 -5.25 -7.77 -1.42
CA GLU A 14 -4.10 -6.92 -1.14
C GLU A 14 -2.99 -7.73 -0.48
N PHE A 15 -3.37 -8.72 0.31
CA PHE A 15 -2.40 -9.57 1.00
C PHE A 15 -1.55 -10.35 0.00
N ILE A 16 -2.16 -10.75 -1.10
CA ILE A 16 -1.46 -11.50 -2.14
C ILE A 16 -0.48 -10.62 -2.89
N LYS A 17 -0.90 -9.38 -3.15
CA LYS A 17 -0.05 -8.43 -3.86
C LYS A 17 1.04 -7.87 -2.95
N GLY A 18 0.63 -7.10 -1.95
CA GLY A 18 1.59 -6.52 -1.02
C GLY A 18 2.36 -5.36 -1.63
N PHE A 19 1.85 -4.83 -2.73
CA PHE A 19 2.50 -3.72 -3.40
C PHE A 19 1.64 -3.21 -4.56
N GLY A 20 1.70 -1.90 -4.81
CA GLY A 20 0.92 -1.30 -5.87
C GLY A 20 -0.22 -0.46 -5.37
N LYS A 21 0.03 0.27 -4.29
CA LYS A 21 -0.99 1.13 -3.70
C LYS A 21 -0.37 2.15 -2.75
N GLY A 22 0.63 1.71 -1.99
CA GLY A 22 1.30 2.60 -1.07
C GLY A 22 2.67 2.07 -0.64
N ALA A 23 2.77 0.77 -0.46
CA ALA A 23 4.02 0.14 -0.06
C ALA A 23 5.14 0.47 -1.05
N ILE A 24 4.92 0.17 -2.32
CA ILE A 24 5.90 0.44 -3.36
C ILE A 24 5.87 1.90 -3.78
N LYS A 25 4.69 2.51 -3.69
CA LYS A 25 4.53 3.91 -4.06
C LYS A 25 5.35 4.82 -3.15
N GLU A 26 5.20 4.64 -1.84
CA GLU A 26 5.93 5.44 -0.87
C GLU A 26 7.39 4.99 -0.78
N GLY A 27 7.71 3.90 -1.48
CA GLY A 27 9.06 3.38 -1.47
C GLY A 27 9.88 3.88 -2.64
N ASN A 28 9.33 3.79 -3.84
CA ASN A 28 10.01 4.23 -5.05
C ASN A 28 10.10 5.75 -5.09
N LYS A 29 9.07 6.42 -4.58
CA LYS A 29 9.04 7.88 -4.56
C LYS A 29 9.93 8.42 -3.45
N ASP A 30 10.15 7.62 -2.42
CA ASP A 30 10.99 8.03 -1.29
C ASP A 30 12.45 7.70 -1.57
N LYS A 31 12.73 7.24 -2.78
CA LYS A 31 14.09 6.90 -3.17
C LYS A 31 15.00 8.13 -3.19
N TRP A 32 14.41 9.26 -3.55
CA TRP A 32 15.15 10.52 -3.61
C TRP A 32 15.88 10.79 -2.30
N LYS A 33 15.33 10.28 -1.21
CA LYS A 33 15.94 10.45 0.10
C LYS A 33 17.35 9.90 0.13
N ASN A 34 17.64 8.95 -0.75
CA ASN A 34 18.96 8.35 -0.83
C ASN A 34 19.94 9.26 -1.55
N ILE A 35 20.31 10.35 -0.91
CA ILE A 35 21.25 11.31 -1.49
C ILE A 35 22.68 10.79 -1.41
N LYS A 1 -5.06 7.88 0.65
CA LYS A 1 -4.74 8.70 1.82
C LYS A 1 -4.24 7.84 2.97
N LYS A 2 -4.76 6.63 3.07
CA LYS A 2 -4.37 5.71 4.13
C LYS A 2 -4.79 4.28 3.79
N TRP A 3 -3.82 3.38 3.75
CA TRP A 3 -4.08 1.98 3.44
C TRP A 3 -4.59 1.23 4.66
N GLY A 4 -4.21 1.72 5.85
CA GLY A 4 -4.63 1.10 7.08
C GLY A 4 -6.14 1.00 7.20
N TRP A 5 -6.85 1.89 6.50
CA TRP A 5 -8.30 1.91 6.52
C TRP A 5 -8.87 0.75 5.73
N LEU A 6 -8.29 0.48 4.56
CA LEU A 6 -8.74 -0.60 3.70
C LEU A 6 -8.16 -1.94 4.15
N ALA A 7 -7.11 -1.87 4.98
CA ALA A 7 -6.46 -3.07 5.49
C ALA A 7 -7.49 -4.04 6.08
N TRP A 8 -8.24 -3.56 7.06
CA TRP A 8 -9.26 -4.38 7.71
C TRP A 8 -10.49 -4.53 6.83
N VAL A 9 -10.52 -3.79 5.72
CA VAL A 9 -11.64 -3.83 4.80
C VAL A 9 -11.50 -4.99 3.81
N ASP A 10 -10.29 -5.14 3.27
CA ASP A 10 -10.02 -6.21 2.32
C ASP A 10 -8.53 -6.56 2.31
N PRO A 11 -8.07 -7.23 3.37
CA PRO A 11 -6.66 -7.64 3.51
C PRO A 11 -6.29 -8.74 2.53
N ALA A 12 -7.25 -9.60 2.22
CA ALA A 12 -7.01 -10.70 1.29
C ALA A 12 -6.68 -10.18 -0.11
N TYR A 13 -7.41 -9.17 -0.55
CA TYR A 13 -7.19 -8.58 -1.87
C TYR A 13 -5.73 -8.21 -2.06
N GLU A 14 -5.25 -7.27 -1.25
CA GLU A 14 -3.86 -6.83 -1.34
C GLU A 14 -2.91 -7.99 -1.09
N PHE A 15 -3.33 -8.93 -0.24
CA PHE A 15 -2.50 -10.09 0.08
C PHE A 15 -2.27 -10.95 -1.16
N ILE A 16 -3.28 -11.02 -2.02
CA ILE A 16 -3.19 -11.81 -3.23
C ILE A 16 -2.25 -11.15 -4.25
N LYS A 17 -2.32 -9.83 -4.34
CA LYS A 17 -1.48 -9.07 -5.26
C LYS A 17 -0.05 -8.97 -4.74
N GLY A 18 0.11 -8.24 -3.64
CA GLY A 18 1.44 -8.08 -3.06
C GLY A 18 2.09 -6.77 -3.45
N PHE A 19 1.89 -6.37 -4.71
CA PHE A 19 2.46 -5.13 -5.22
C PHE A 19 1.96 -4.84 -6.63
N GLY A 20 2.00 -3.56 -7.01
CA GLY A 20 1.54 -3.18 -8.33
C GLY A 20 0.14 -2.59 -8.31
N LYS A 21 -0.09 -1.63 -7.44
CA LYS A 21 -1.39 -1.00 -7.32
C LYS A 21 -1.37 0.13 -6.29
N GLY A 22 -0.59 -0.07 -5.23
CA GLY A 22 -0.49 0.93 -4.19
C GLY A 22 0.49 0.55 -3.10
N ALA A 23 0.60 -0.74 -2.82
CA ALA A 23 1.51 -1.25 -1.81
C ALA A 23 2.93 -0.77 -2.07
N ILE A 24 3.50 -1.20 -3.19
CA ILE A 24 4.86 -0.82 -3.56
C ILE A 24 4.91 0.63 -4.06
N LYS A 25 3.80 1.08 -4.66
CA LYS A 25 3.72 2.44 -5.19
C LYS A 25 3.89 3.46 -4.07
N GLU A 26 3.11 3.29 -3.00
CA GLU A 26 3.17 4.20 -1.86
C GLU A 26 4.40 3.92 -1.01
N GLY A 27 5.15 2.87 -1.36
CA GLY A 27 6.34 2.52 -0.62
C GLY A 27 7.60 3.07 -1.25
N ASN A 28 7.71 2.93 -2.56
CA ASN A 28 8.88 3.41 -3.29
C ASN A 28 8.84 4.94 -3.43
N LYS A 29 7.64 5.49 -3.56
CA LYS A 29 7.45 6.93 -3.69
C LYS A 29 7.61 7.62 -2.35
N ASP A 30 7.41 6.87 -1.27
CA ASP A 30 7.53 7.42 0.07
C ASP A 30 8.97 7.32 0.57
N LYS A 31 9.87 6.91 -0.32
CA LYS A 31 11.27 6.78 0.03
C LYS A 31 11.93 8.15 0.16
N TRP A 32 11.38 9.13 -0.54
CA TRP A 32 11.92 10.48 -0.50
C TRP A 32 12.05 10.98 0.93
N LYS A 33 11.19 10.47 1.82
CA LYS A 33 11.22 10.86 3.22
C LYS A 33 12.59 10.57 3.84
N ASN A 34 13.30 9.61 3.26
CA ASN A 34 14.63 9.24 3.75
C ASN A 34 14.57 8.88 5.23
N ILE A 35 13.41 8.42 5.68
CA ILE A 35 13.22 8.03 7.07
C ILE A 35 11.96 7.19 7.24
N LYS A 1 -5.20 0.14 1.05
CA LYS A 1 -6.64 -0.05 0.89
C LYS A 1 -7.23 -0.76 2.11
N LYS A 2 -7.03 -0.17 3.29
CA LYS A 2 -7.55 -0.74 4.52
C LYS A 2 -7.24 0.16 5.70
N TRP A 3 -7.75 1.39 5.65
CA TRP A 3 -7.52 2.36 6.72
C TRP A 3 -8.65 2.29 7.75
N GLY A 4 -9.16 1.09 7.99
CA GLY A 4 -10.23 0.92 8.95
C GLY A 4 -11.56 0.62 8.28
N TRP A 5 -12.26 1.67 7.88
CA TRP A 5 -13.56 1.52 7.22
C TRP A 5 -13.44 0.66 5.97
N LEU A 6 -12.35 0.83 5.24
CA LEU A 6 -12.12 0.06 4.02
C LEU A 6 -11.55 -1.31 4.34
N ALA A 7 -10.79 -1.38 5.42
CA ALA A 7 -10.18 -2.64 5.85
C ALA A 7 -11.24 -3.71 6.08
N TRP A 8 -12.46 -3.28 6.35
CA TRP A 8 -13.57 -4.20 6.59
C TRP A 8 -14.35 -4.46 5.31
N VAL A 9 -14.07 -3.66 4.28
CA VAL A 9 -14.75 -3.81 3.00
C VAL A 9 -14.18 -4.98 2.20
N ASP A 10 -12.85 -5.10 2.19
CA ASP A 10 -12.19 -6.18 1.48
C ASP A 10 -10.71 -6.22 1.81
N PRO A 11 -10.39 -6.68 3.03
CA PRO A 11 -9.01 -6.78 3.50
C PRO A 11 -8.22 -7.86 2.78
N ALA A 12 -8.91 -8.93 2.38
CA ALA A 12 -8.28 -10.04 1.67
C ALA A 12 -7.73 -9.58 0.32
N TYR A 13 -8.52 -8.79 -0.40
CA TYR A 13 -8.10 -8.29 -1.71
C TYR A 13 -6.73 -7.64 -1.63
N GLU A 14 -6.64 -6.55 -0.87
CA GLU A 14 -5.39 -5.83 -0.71
C GLU A 14 -4.30 -6.73 -0.12
N PHE A 15 -4.72 -7.67 0.72
CA PHE A 15 -3.80 -8.59 1.36
C PHE A 15 -3.13 -9.49 0.33
N ILE A 16 -3.88 -9.84 -0.72
CA ILE A 16 -3.36 -10.70 -1.78
C ILE A 16 -2.36 -9.94 -2.65
N LYS A 17 -2.66 -8.67 -2.91
CA LYS A 17 -1.79 -7.84 -3.74
C LYS A 17 -0.56 -7.40 -2.94
N GLY A 18 -0.79 -6.64 -1.89
CA GLY A 18 0.30 -6.16 -1.06
C GLY A 18 0.99 -4.95 -1.66
N PHE A 19 0.25 -4.18 -2.46
CA PHE A 19 0.80 -3.00 -3.10
C PHE A 19 -0.29 -2.23 -3.84
N GLY A 20 -0.07 -0.93 -4.03
CA GLY A 20 -1.04 -0.10 -4.73
C GLY A 20 -1.89 0.71 -3.78
N LYS A 21 -1.23 1.42 -2.86
CA LYS A 21 -1.93 2.25 -1.89
C LYS A 21 -0.94 3.01 -1.01
N GLY A 22 0.18 2.37 -0.70
CA GLY A 22 1.19 3.00 0.13
C GLY A 22 2.42 2.12 0.31
N ALA A 23 2.22 0.82 0.34
CA ALA A 23 3.31 -0.12 0.51
C ALA A 23 4.40 0.10 -0.53
N ILE A 24 4.04 -0.10 -1.80
CA ILE A 24 4.99 0.09 -2.90
C ILE A 24 5.20 1.56 -3.20
N LYS A 25 4.18 2.38 -2.92
CA LYS A 25 4.26 3.82 -3.16
C LYS A 25 5.36 4.44 -2.29
N GLU A 26 5.34 4.15 -1.00
CA GLU A 26 6.33 4.69 -0.08
C GLU A 26 7.66 3.95 -0.22
N GLY A 27 7.67 2.91 -1.04
CA GLY A 27 8.88 2.13 -1.26
C GLY A 27 9.64 2.58 -2.48
N ASN A 28 8.93 2.75 -3.59
CA ASN A 28 9.55 3.17 -4.85
C ASN A 28 9.95 4.64 -4.77
N LYS A 29 9.15 5.43 -4.07
CA LYS A 29 9.42 6.87 -3.92
C LYS A 29 10.52 7.10 -2.91
N ASP A 30 10.98 6.03 -2.27
CA ASP A 30 12.04 6.13 -1.28
C ASP A 30 13.29 6.78 -1.87
N LYS A 31 13.43 6.68 -3.19
CA LYS A 31 14.57 7.27 -3.88
C LYS A 31 14.60 8.78 -3.72
N TRP A 32 13.45 9.36 -3.36
CA TRP A 32 13.35 10.80 -3.18
C TRP A 32 14.42 11.30 -2.22
N LYS A 33 14.85 10.43 -1.31
CA LYS A 33 15.88 10.79 -0.33
C LYS A 33 17.16 11.25 -1.03
N ASN A 34 17.34 10.79 -2.27
CA ASN A 34 18.52 11.16 -3.04
C ASN A 34 19.81 10.82 -2.28
N ILE A 35 19.72 9.84 -1.40
CA ILE A 35 20.87 9.43 -0.60
C ILE A 35 20.61 8.09 0.08
N LYS A 1 -17.32 6.28 5.80
CA LYS A 1 -18.32 6.02 6.83
C LYS A 1 -17.68 5.51 8.11
N LYS A 2 -16.64 4.70 7.96
CA LYS A 2 -15.93 4.15 9.11
C LYS A 2 -14.57 3.59 8.69
N TRP A 3 -13.59 3.70 9.57
CA TRP A 3 -12.24 3.20 9.29
C TRP A 3 -12.20 1.69 9.39
N GLY A 4 -13.03 1.13 10.27
CA GLY A 4 -13.07 -0.30 10.45
C GLY A 4 -13.69 -1.03 9.28
N TRP A 5 -14.58 -0.33 8.57
CA TRP A 5 -15.25 -0.92 7.41
C TRP A 5 -14.28 -1.05 6.23
N LEU A 6 -13.29 -0.17 6.17
CA LEU A 6 -12.31 -0.19 5.10
C LEU A 6 -11.22 -1.22 5.39
N ALA A 7 -10.86 -1.36 6.66
CA ALA A 7 -9.83 -2.31 7.06
C ALA A 7 -10.26 -3.74 6.75
N TRP A 8 -11.58 -3.98 6.76
CA TRP A 8 -12.12 -5.30 6.49
C TRP A 8 -11.80 -5.73 5.06
N VAL A 9 -11.75 -4.77 4.15
CA VAL A 9 -11.45 -5.06 2.75
C VAL A 9 -10.01 -5.52 2.58
N ASP A 10 -9.14 -5.06 3.46
CA ASP A 10 -7.72 -5.44 3.41
C ASP A 10 -7.06 -4.90 2.15
N PRO A 11 -6.93 -3.57 2.07
CA PRO A 11 -6.32 -2.90 0.92
C PRO A 11 -4.82 -3.16 0.84
N ALA A 12 -4.17 -3.30 1.99
CA ALA A 12 -2.74 -3.54 2.05
C ALA A 12 -2.38 -4.85 1.34
N TYR A 13 -3.14 -5.90 1.64
CA TYR A 13 -2.90 -7.20 1.03
C TYR A 13 -2.82 -7.09 -0.49
N GLU A 14 -3.95 -6.71 -1.10
CA GLU A 14 -4.02 -6.57 -2.55
C GLU A 14 -2.98 -5.57 -3.05
N PHE A 15 -2.69 -4.56 -2.22
CA PHE A 15 -1.72 -3.54 -2.59
C PHE A 15 -0.32 -4.14 -2.72
N ILE A 16 -0.03 -5.13 -1.88
CA ILE A 16 1.27 -5.80 -1.91
C ILE A 16 1.41 -6.68 -3.14
N LYS A 17 0.33 -7.36 -3.50
CA LYS A 17 0.33 -8.25 -4.66
C LYS A 17 0.28 -7.44 -5.96
N GLY A 18 -0.13 -6.18 -5.85
CA GLY A 18 -0.21 -5.32 -7.02
C GLY A 18 1.07 -4.56 -7.28
N PHE A 19 2.17 -5.03 -6.68
CA PHE A 19 3.46 -4.38 -6.84
C PHE A 19 3.79 -4.18 -8.32
N GLY A 20 4.43 -3.06 -8.64
CA GLY A 20 4.79 -2.76 -10.01
C GLY A 20 4.03 -1.57 -10.56
N LYS A 21 2.76 -1.46 -10.22
CA LYS A 21 1.92 -0.35 -10.68
C LYS A 21 2.37 0.96 -10.05
N GLY A 22 3.02 0.86 -8.89
CA GLY A 22 3.49 2.05 -8.20
C GLY A 22 3.93 1.76 -6.78
N ALA A 23 3.37 0.71 -6.19
CA ALA A 23 3.71 0.33 -4.83
C ALA A 23 5.20 0.03 -4.70
N ILE A 24 5.73 -0.73 -5.66
CA ILE A 24 7.15 -1.09 -5.65
C ILE A 24 8.01 0.07 -6.10
N LYS A 25 7.45 0.93 -6.95
CA LYS A 25 8.17 2.08 -7.46
C LYS A 25 8.36 3.13 -6.36
N GLU A 26 7.29 3.43 -5.64
CA GLU A 26 7.33 4.41 -4.56
C GLU A 26 8.01 3.82 -3.32
N GLY A 27 8.33 2.54 -3.39
CA GLY A 27 8.98 1.88 -2.26
C GLY A 27 10.49 1.89 -2.38
N ASN A 28 10.99 1.65 -3.59
CA ASN A 28 12.43 1.63 -3.82
C ASN A 28 12.97 3.05 -4.01
N LYS A 29 12.16 3.90 -4.63
CA LYS A 29 12.56 5.28 -4.88
C LYS A 29 12.44 6.12 -3.61
N ASP A 30 11.81 5.55 -2.59
CA ASP A 30 11.63 6.24 -1.31
C ASP A 30 12.82 5.98 -0.40
N LYS A 31 13.86 5.37 -0.93
CA LYS A 31 15.07 5.08 -0.17
C LYS A 31 15.86 6.34 0.12
N TRP A 32 16.26 7.04 -0.94
CA TRP A 32 17.03 8.27 -0.80
C TRP A 32 16.32 9.26 0.11
N LYS A 33 14.98 9.17 0.14
CA LYS A 33 14.18 10.06 0.98
C LYS A 33 14.58 9.94 2.44
N ASN A 34 15.15 8.80 2.81
CA ASN A 34 15.58 8.55 4.18
C ASN A 34 14.43 8.78 5.16
N ILE A 35 13.20 8.60 4.67
CA ILE A 35 12.02 8.77 5.50
C ILE A 35 11.93 10.20 6.04
N LYS A 1 -12.65 -0.16 11.00
CA LYS A 1 -13.33 1.10 10.72
C LYS A 1 -14.16 0.99 9.45
N LYS A 2 -15.47 0.80 9.61
CA LYS A 2 -16.38 0.69 8.48
C LYS A 2 -15.93 -0.42 7.54
N TRP A 3 -16.10 -1.67 7.97
CA TRP A 3 -15.72 -2.82 7.17
C TRP A 3 -16.53 -2.87 5.88
N GLY A 4 -17.74 -2.34 5.92
CA GLY A 4 -18.59 -2.33 4.75
C GLY A 4 -17.96 -1.61 3.58
N TRP A 5 -17.18 -0.58 3.86
CA TRP A 5 -16.52 0.20 2.82
C TRP A 5 -15.28 -0.54 2.31
N LEU A 6 -14.63 -1.29 3.20
CA LEU A 6 -13.43 -2.03 2.83
C LEU A 6 -13.80 -3.35 2.13
N ALA A 7 -15.09 -3.68 2.15
CA ALA A 7 -15.56 -4.91 1.52
C ALA A 7 -15.07 -5.01 0.08
N TRP A 8 -15.16 -3.92 -0.66
CA TRP A 8 -14.73 -3.89 -2.05
C TRP A 8 -13.25 -3.50 -2.15
N VAL A 9 -12.77 -2.78 -1.14
CA VAL A 9 -11.38 -2.34 -1.12
C VAL A 9 -10.44 -3.54 -0.95
N ASP A 10 -10.87 -4.52 -0.16
CA ASP A 10 -10.06 -5.71 0.09
C ASP A 10 -8.79 -5.36 0.85
N PRO A 11 -8.95 -4.95 2.12
CA PRO A 11 -7.83 -4.58 2.97
C PRO A 11 -6.97 -5.77 3.36
N ALA A 12 -7.62 -6.93 3.53
CA ALA A 12 -6.92 -8.15 3.89
C ALA A 12 -5.86 -8.52 2.86
N TYR A 13 -6.25 -8.48 1.59
CA TYR A 13 -5.34 -8.81 0.50
C TYR A 13 -4.04 -8.02 0.63
N GLU A 14 -4.14 -6.70 0.48
CA GLU A 14 -2.98 -5.83 0.57
C GLU A 14 -2.28 -6.01 1.91
N PHE A 15 -3.05 -6.28 2.95
CA PHE A 15 -2.50 -6.47 4.29
C PHE A 15 -1.59 -7.69 4.33
N ILE A 16 -1.95 -8.73 3.60
CA ILE A 16 -1.17 -9.96 3.55
C ILE A 16 0.15 -9.75 2.80
N LYS A 17 0.08 -8.97 1.72
CA LYS A 17 1.26 -8.69 0.92
C LYS A 17 2.16 -7.66 1.61
N GLY A 18 1.63 -6.44 1.78
CA GLY A 18 2.39 -5.39 2.44
C GLY A 18 3.20 -4.57 1.45
N PHE A 19 2.81 -4.61 0.18
CA PHE A 19 3.49 -3.86 -0.86
C PHE A 19 2.75 -3.97 -2.19
N GLY A 20 2.93 -2.98 -3.05
CA GLY A 20 2.28 -2.99 -4.35
C GLY A 20 1.03 -2.12 -4.38
N LYS A 21 1.17 -0.89 -3.92
CA LYS A 21 0.03 0.04 -3.90
C LYS A 21 0.48 1.42 -3.41
N GLY A 22 1.42 1.43 -2.46
CA GLY A 22 1.91 2.69 -1.93
C GLY A 22 3.15 2.51 -1.09
N ALA A 23 3.19 1.45 -0.30
CA ALA A 23 4.34 1.17 0.55
C ALA A 23 5.63 1.12 -0.26
N ILE A 24 5.64 0.24 -1.26
CA ILE A 24 6.82 0.09 -2.12
C ILE A 24 6.86 1.17 -3.18
N LYS A 25 5.69 1.62 -3.62
CA LYS A 25 5.59 2.67 -4.64
C LYS A 25 6.24 3.96 -4.15
N GLU A 26 5.87 4.40 -2.96
CA GLU A 26 6.42 5.61 -2.38
C GLU A 26 7.84 5.38 -1.85
N GLY A 27 8.28 4.13 -1.91
CA GLY A 27 9.61 3.79 -1.43
C GLY A 27 10.63 3.73 -2.54
N ASN A 28 10.27 3.08 -3.64
CA ASN A 28 11.17 2.96 -4.79
C ASN A 28 11.25 4.28 -5.56
N LYS A 29 10.15 5.02 -5.59
CA LYS A 29 10.10 6.29 -6.27
C LYS A 29 10.79 7.38 -5.47
N ASP A 30 10.87 7.17 -4.15
CA ASP A 30 11.51 8.13 -3.27
C ASP A 30 13.01 7.87 -3.17
N LYS A 31 13.50 6.93 -3.98
CA LYS A 31 14.91 6.58 -3.99
C LYS A 31 15.75 7.68 -4.63
N TRP A 32 15.13 8.43 -5.54
CA TRP A 32 15.81 9.52 -6.23
C TRP A 32 16.46 10.47 -5.24
N LYS A 33 15.87 10.57 -4.05
CA LYS A 33 16.40 11.44 -3.00
C LYS A 33 17.84 11.09 -2.66
N ASN A 34 18.21 9.83 -2.92
CA ASN A 34 19.56 9.36 -2.64
C ASN A 34 20.50 9.73 -3.78
N ILE A 35 21.10 10.92 -3.70
CA ILE A 35 22.02 11.38 -4.72
C ILE A 35 23.43 10.85 -4.47
N LYS A 1 -12.91 7.97 7.79
CA LYS A 1 -12.19 6.72 7.98
C LYS A 1 -12.51 5.72 6.88
N LYS A 2 -11.51 4.96 6.45
CA LYS A 2 -11.70 3.97 5.41
C LYS A 2 -10.71 2.81 5.58
N TRP A 3 -10.39 2.50 6.83
CA TRP A 3 -9.46 1.41 7.14
C TRP A 3 -10.20 0.08 7.24
N GLY A 4 -11.45 0.14 7.68
CA GLY A 4 -12.24 -1.07 7.81
C GLY A 4 -13.27 -1.21 6.70
N TRP A 5 -13.65 -0.09 6.09
CA TRP A 5 -14.62 -0.10 5.01
C TRP A 5 -14.06 -0.80 3.78
N LEU A 6 -12.78 -0.58 3.51
CA LEU A 6 -12.13 -1.19 2.35
C LEU A 6 -11.70 -2.62 2.66
N ALA A 7 -11.48 -2.90 3.94
CA ALA A 7 -11.07 -4.23 4.38
C ALA A 7 -12.13 -5.27 4.03
N TRP A 8 -13.37 -4.83 3.90
CA TRP A 8 -14.48 -5.72 3.56
C TRP A 8 -14.72 -5.74 2.06
N VAL A 9 -14.10 -4.81 1.34
CA VAL A 9 -14.25 -4.72 -0.10
C VAL A 9 -13.44 -5.80 -0.81
N ASP A 10 -12.19 -5.99 -0.36
CA ASP A 10 -11.32 -6.99 -0.95
C ASP A 10 -10.05 -7.17 -0.10
N PRO A 11 -10.20 -7.82 1.07
CA PRO A 11 -9.09 -8.06 1.98
C PRO A 11 -8.09 -9.07 1.43
N ALA A 12 -8.60 -10.03 0.65
CA ALA A 12 -7.75 -11.06 0.06
C ALA A 12 -6.74 -10.45 -0.91
N TYR A 13 -7.22 -9.54 -1.74
CA TYR A 13 -6.37 -8.88 -2.73
C TYR A 13 -5.12 -8.31 -2.06
N GLU A 14 -5.32 -7.35 -1.16
CA GLU A 14 -4.21 -6.72 -0.45
C GLU A 14 -3.42 -7.75 0.35
N PHE A 15 -4.11 -8.77 0.83
CA PHE A 15 -3.47 -9.83 1.61
C PHE A 15 -2.47 -10.61 0.77
N ILE A 16 -2.80 -10.77 -0.52
CA ILE A 16 -1.92 -11.49 -1.43
C ILE A 16 -0.67 -10.68 -1.77
N LYS A 17 -0.86 -9.38 -1.94
CA LYS A 17 0.25 -8.48 -2.26
C LYS A 17 1.10 -8.21 -1.02
N GLY A 18 0.53 -7.46 -0.08
CA GLY A 18 1.25 -7.14 1.14
C GLY A 18 2.48 -6.28 0.89
N PHE A 19 2.35 -5.33 -0.04
CA PHE A 19 3.45 -4.45 -0.38
C PHE A 19 3.01 -3.38 -1.38
N GLY A 20 2.08 -3.76 -2.25
CA GLY A 20 1.58 -2.82 -3.25
C GLY A 20 0.42 -1.99 -2.74
N LYS A 21 0.58 -1.43 -1.54
CA LYS A 21 -0.46 -0.61 -0.94
C LYS A 21 0.09 0.24 0.20
N GLY A 22 1.39 0.53 0.13
CA GLY A 22 2.03 1.33 1.16
C GLY A 22 3.51 1.06 1.27
N ALA A 23 3.91 -0.17 1.00
CA ALA A 23 5.31 -0.56 1.07
C ALA A 23 6.09 -0.02 -0.12
N ILE A 24 5.73 -0.47 -1.32
CA ILE A 24 6.39 -0.03 -2.54
C ILE A 24 6.05 1.43 -2.86
N LYS A 25 4.86 1.84 -2.45
CA LYS A 25 4.41 3.21 -2.68
C LYS A 25 5.30 4.22 -1.94
N GLU A 26 5.51 3.96 -0.66
CA GLU A 26 6.35 4.84 0.15
C GLU A 26 7.84 4.61 -0.15
N GLY A 27 8.12 3.63 -0.98
CA GLY A 27 9.49 3.32 -1.34
C GLY A 27 9.92 3.98 -2.64
N ASN A 28 9.06 3.86 -3.66
CA ASN A 28 9.36 4.44 -4.96
C ASN A 28 9.19 5.96 -4.93
N LYS A 29 8.25 6.43 -4.13
CA LYS A 29 7.99 7.86 -4.01
C LYS A 29 9.05 8.53 -3.14
N ASP A 30 9.68 7.75 -2.27
CA ASP A 30 10.71 8.26 -1.39
C ASP A 30 12.08 8.22 -2.07
N LYS A 31 12.09 7.88 -3.35
CA LYS A 31 13.33 7.80 -4.11
C LYS A 31 13.88 9.20 -4.38
N TRP A 32 13.00 10.19 -4.41
CA TRP A 32 13.40 11.56 -4.67
C TRP A 32 14.52 11.99 -3.71
N LYS A 33 14.54 11.39 -2.52
CA LYS A 33 15.55 11.70 -1.52
C LYS A 33 16.95 11.46 -2.08
N ASN A 34 17.05 10.57 -3.07
CA ASN A 34 18.34 10.25 -3.68
C ASN A 34 18.61 11.16 -4.87
N ILE A 35 19.18 12.33 -4.59
CA ILE A 35 19.51 13.28 -5.64
C ILE A 35 20.65 12.78 -6.52
N LYS A 1 -9.56 7.10 3.79
CA LYS A 1 -8.47 8.03 3.50
C LYS A 1 -7.12 7.36 3.73
N LYS A 2 -6.91 6.87 4.95
CA LYS A 2 -5.65 6.21 5.30
C LYS A 2 -5.61 4.79 4.74
N TRP A 3 -4.48 4.13 4.94
CA TRP A 3 -4.31 2.76 4.46
C TRP A 3 -4.81 1.75 5.49
N GLY A 4 -4.78 2.16 6.76
CA GLY A 4 -5.23 1.28 7.83
C GLY A 4 -6.70 0.90 7.69
N TRP A 5 -7.49 1.80 7.13
CA TRP A 5 -8.91 1.55 6.94
C TRP A 5 -9.16 0.67 5.71
N LEU A 6 -8.31 0.83 4.71
CA LEU A 6 -8.43 0.05 3.48
C LEU A 6 -7.96 -1.39 3.70
N ALA A 7 -7.08 -1.58 4.68
CA ALA A 7 -6.56 -2.91 4.99
C ALA A 7 -7.68 -3.83 5.46
N TRP A 8 -8.75 -3.25 5.98
CA TRP A 8 -9.90 -4.02 6.46
C TRP A 8 -10.96 -4.15 5.37
N VAL A 9 -10.81 -3.38 4.31
CA VAL A 9 -11.75 -3.42 3.19
C VAL A 9 -11.56 -4.66 2.33
N ASP A 10 -10.29 -4.97 2.03
CA ASP A 10 -9.97 -6.14 1.22
C ASP A 10 -8.46 -6.39 1.23
N PRO A 11 -7.95 -6.89 2.36
CA PRO A 11 -6.52 -7.20 2.52
C PRO A 11 -6.09 -8.39 1.67
N ALA A 12 -7.00 -9.35 1.49
CA ALA A 12 -6.70 -10.53 0.69
C ALA A 12 -6.40 -10.16 -0.75
N TYR A 13 -7.21 -9.28 -1.32
CA TYR A 13 -7.04 -8.85 -2.70
C TYR A 13 -5.60 -8.40 -2.94
N GLU A 14 -5.19 -7.33 -2.27
CA GLU A 14 -3.84 -6.80 -2.42
C GLU A 14 -2.80 -7.85 -2.05
N PHE A 15 -3.15 -8.71 -1.08
CA PHE A 15 -2.24 -9.75 -0.63
C PHE A 15 -1.96 -10.75 -1.76
N ILE A 16 -2.96 -10.98 -2.59
CA ILE A 16 -2.81 -11.92 -3.71
C ILE A 16 -1.94 -11.32 -4.81
N LYS A 17 -2.10 -10.03 -5.06
CA LYS A 17 -1.32 -9.33 -6.07
C LYS A 17 0.10 -9.06 -5.59
N GLY A 18 0.24 -8.86 -4.28
CA GLY A 18 1.55 -8.60 -3.72
C GLY A 18 1.93 -7.13 -3.78
N PHE A 19 2.18 -6.63 -4.98
CA PHE A 19 2.55 -5.23 -5.17
C PHE A 19 2.78 -4.94 -6.66
N GLY A 20 2.88 -3.65 -6.98
CA GLY A 20 3.09 -3.25 -8.36
C GLY A 20 1.99 -2.33 -8.87
N LYS A 21 1.36 -1.61 -7.96
CA LYS A 21 0.28 -0.69 -8.32
C LYS A 21 0.00 0.29 -7.19
N GLY A 22 0.06 -0.20 -5.95
CA GLY A 22 -0.20 0.65 -4.81
C GLY A 22 0.73 0.34 -3.65
N ALA A 23 1.01 -0.95 -3.44
CA ALA A 23 1.89 -1.37 -2.36
C ALA A 23 3.31 -0.87 -2.57
N ILE A 24 3.85 -1.13 -3.76
CA ILE A 24 5.20 -0.72 -4.10
C ILE A 24 5.23 0.76 -4.50
N LYS A 25 4.14 1.23 -5.11
CA LYS A 25 4.04 2.62 -5.54
C LYS A 25 4.09 3.56 -4.35
N GLU A 26 3.29 3.27 -3.33
CA GLU A 26 3.24 4.10 -2.14
C GLU A 26 4.45 3.84 -1.25
N GLY A 27 5.27 2.86 -1.64
CA GLY A 27 6.45 2.53 -0.87
C GLY A 27 7.70 3.20 -1.39
N ASN A 28 7.90 3.12 -2.70
CA ASN A 28 9.06 3.72 -3.34
C ASN A 28 8.94 5.25 -3.38
N LYS A 29 7.71 5.73 -3.53
CA LYS A 29 7.45 7.16 -3.58
C LYS A 29 7.51 7.77 -2.18
N ASP A 30 7.29 6.94 -1.17
CA ASP A 30 7.32 7.41 0.21
C ASP A 30 8.75 7.36 0.77
N LYS A 31 9.70 7.04 -0.09
CA LYS A 31 11.11 6.95 0.31
C LYS A 31 11.66 8.34 0.64
N TRP A 32 11.08 9.36 0.03
CA TRP A 32 11.53 10.74 0.27
C TRP A 32 11.54 11.06 1.76
N LYS A 33 10.67 10.39 2.51
CA LYS A 33 10.59 10.60 3.95
C LYS A 33 11.93 10.32 4.62
N ASN A 34 12.75 9.50 3.97
CA ASN A 34 14.06 9.14 4.51
C ASN A 34 13.95 8.60 5.92
N ILE A 35 12.79 8.01 6.24
CA ILE A 35 12.56 7.45 7.56
C ILE A 35 13.43 6.22 7.80
N LYS A 1 -17.54 -1.46 12.52
CA LYS A 1 -17.71 -0.03 12.73
C LYS A 1 -17.76 0.71 11.40
N LYS A 2 -18.76 0.41 10.58
CA LYS A 2 -18.91 1.05 9.29
C LYS A 2 -17.85 0.57 8.31
N TRP A 3 -16.61 0.94 8.56
CA TRP A 3 -15.50 0.54 7.70
C TRP A 3 -15.07 -0.89 8.00
N GLY A 4 -15.30 -1.33 9.23
CA GLY A 4 -14.93 -2.68 9.62
C GLY A 4 -15.49 -3.73 8.68
N TRP A 5 -16.68 -3.46 8.14
CA TRP A 5 -17.32 -4.40 7.22
C TRP A 5 -16.66 -4.34 5.84
N LEU A 6 -16.20 -3.16 5.46
CA LEU A 6 -15.55 -2.97 4.17
C LEU A 6 -14.18 -3.65 4.14
N ALA A 7 -13.59 -3.80 5.31
CA ALA A 7 -12.28 -4.45 5.42
C ALA A 7 -12.37 -5.94 5.13
N TRP A 8 -13.57 -6.49 5.25
CA TRP A 8 -13.79 -7.91 5.00
C TRP A 8 -14.24 -8.15 3.57
N VAL A 9 -14.60 -7.06 2.87
CA VAL A 9 -15.05 -7.16 1.49
C VAL A 9 -13.91 -7.59 0.58
N ASP A 10 -12.75 -6.98 0.76
CA ASP A 10 -11.58 -7.30 -0.05
C ASP A 10 -10.34 -6.59 0.48
N PRO A 11 -9.84 -7.03 1.63
CA PRO A 11 -8.65 -6.45 2.27
C PRO A 11 -7.38 -6.74 1.50
N ALA A 12 -7.34 -7.91 0.86
CA ALA A 12 -6.17 -8.31 0.08
C ALA A 12 -5.93 -7.36 -1.08
N TYR A 13 -6.99 -7.01 -1.78
CA TYR A 13 -6.90 -6.10 -2.92
C TYR A 13 -6.15 -4.82 -2.54
N GLU A 14 -6.73 -4.05 -1.62
CA GLU A 14 -6.11 -2.81 -1.17
C GLU A 14 -4.74 -3.07 -0.58
N PHE A 15 -4.57 -4.23 0.05
CA PHE A 15 -3.31 -4.59 0.66
C PHE A 15 -2.22 -4.73 -0.39
N ILE A 16 -2.59 -5.22 -1.57
CA ILE A 16 -1.64 -5.40 -2.66
C ILE A 16 -1.22 -4.06 -3.24
N LYS A 17 -2.18 -3.15 -3.36
CA LYS A 17 -1.90 -1.82 -3.91
C LYS A 17 -1.18 -0.95 -2.88
N GLY A 18 -1.38 -1.26 -1.61
CA GLY A 18 -0.75 -0.49 -0.55
C GLY A 18 0.75 -0.38 -0.74
N PHE A 19 1.36 -1.43 -1.28
CA PHE A 19 2.80 -1.45 -1.51
C PHE A 19 3.21 -2.71 -2.27
N GLY A 20 4.34 -2.63 -2.96
CA GLY A 20 4.83 -3.77 -3.71
C GLY A 20 4.52 -3.66 -5.20
N LYS A 21 4.87 -2.52 -5.78
CA LYS A 21 4.63 -2.29 -7.20
C LYS A 21 5.19 -0.93 -7.63
N GLY A 22 5.11 0.04 -6.74
CA GLY A 22 5.61 1.38 -7.05
C GLY A 22 5.49 2.32 -5.87
N ALA A 23 4.44 2.15 -5.08
CA ALA A 23 4.21 3.00 -3.93
C ALA A 23 5.43 3.02 -3.00
N ILE A 24 5.76 1.85 -2.45
CA ILE A 24 6.91 1.75 -1.55
C ILE A 24 8.21 1.76 -2.33
N LYS A 25 8.17 1.27 -3.56
CA LYS A 25 9.35 1.23 -4.41
C LYS A 25 9.88 2.64 -4.68
N GLU A 26 9.00 3.53 -5.11
CA GLU A 26 9.37 4.90 -5.40
C GLU A 26 9.55 5.70 -4.11
N GLY A 27 9.24 5.07 -2.98
CA GLY A 27 9.37 5.74 -1.69
C GLY A 27 10.69 5.41 -1.01
N ASN A 28 11.04 4.14 -0.98
CA ASN A 28 12.28 3.71 -0.35
C ASN A 28 13.49 4.10 -1.20
N LYS A 29 13.31 4.07 -2.52
CA LYS A 29 14.38 4.42 -3.44
C LYS A 29 14.56 5.94 -3.51
N ASP A 30 13.49 6.67 -3.22
CA ASP A 30 13.53 8.13 -3.24
C ASP A 30 14.63 8.66 -2.31
N LYS A 31 14.96 7.87 -1.29
CA LYS A 31 15.98 8.26 -0.33
C LYS A 31 17.37 7.91 -0.84
N TRP A 32 17.47 6.80 -1.56
CA TRP A 32 18.74 6.36 -2.12
C TRP A 32 19.42 7.48 -2.90
N LYS A 33 18.60 8.36 -3.48
CA LYS A 33 19.12 9.48 -4.27
C LYS A 33 20.03 10.35 -3.41
N ASN A 34 19.72 10.45 -2.13
CA ASN A 34 20.52 11.26 -1.21
C ASN A 34 20.62 12.70 -1.70
N ILE A 35 19.64 13.12 -2.48
CA ILE A 35 19.62 14.48 -3.02
C ILE A 35 18.19 14.98 -3.19
N LYS A 1 -17.93 -0.24 11.83
CA LYS A 1 -18.73 0.59 10.93
C LYS A 1 -17.96 0.92 9.65
N LYS A 2 -16.67 1.20 9.81
CA LYS A 2 -15.83 1.53 8.67
C LYS A 2 -15.37 0.27 7.94
N TRP A 3 -15.30 -0.83 8.68
CA TRP A 3 -14.88 -2.11 8.10
C TRP A 3 -15.80 -2.52 6.96
N GLY A 4 -17.03 -2.03 6.99
CA GLY A 4 -17.99 -2.35 5.94
C GLY A 4 -17.50 -1.97 4.57
N TRP A 5 -17.62 -0.69 4.22
CA TRP A 5 -17.18 -0.20 2.93
C TRP A 5 -15.71 -0.52 2.69
N LEU A 6 -14.97 -0.68 3.77
CA LEU A 6 -13.54 -0.99 3.69
C LEU A 6 -13.33 -2.44 3.26
N ALA A 7 -14.31 -3.29 3.55
CA ALA A 7 -14.22 -4.70 3.20
C ALA A 7 -14.10 -4.88 1.69
N TRP A 8 -14.69 -3.97 0.93
CA TRP A 8 -14.64 -4.02 -0.52
C TRP A 8 -13.26 -3.63 -1.04
N VAL A 9 -12.55 -2.82 -0.27
CA VAL A 9 -11.22 -2.37 -0.64
C VAL A 9 -10.23 -3.53 -0.62
N ASP A 10 -10.46 -4.50 0.26
CA ASP A 10 -9.59 -5.66 0.38
C ASP A 10 -8.20 -5.24 0.86
N PRO A 11 -8.13 -4.80 2.13
CA PRO A 11 -6.87 -4.37 2.74
C PRO A 11 -5.92 -5.53 3.00
N ALA A 12 -6.49 -6.69 3.30
CA ALA A 12 -5.70 -7.88 3.57
C ALA A 12 -4.84 -8.26 2.36
N TYR A 13 -5.47 -8.27 1.19
CA TYR A 13 -4.77 -8.62 -0.04
C TYR A 13 -3.50 -7.78 -0.21
N GLU A 14 -3.67 -6.47 -0.35
CA GLU A 14 -2.55 -5.57 -0.52
C GLU A 14 -1.59 -5.68 0.67
N PHE A 15 -2.14 -5.95 1.84
CA PHE A 15 -1.33 -6.08 3.06
C PHE A 15 -0.38 -7.27 2.95
N ILE A 16 -0.87 -8.35 2.33
CA ILE A 16 -0.06 -9.55 2.15
C ILE A 16 1.07 -9.32 1.16
N LYS A 17 0.78 -8.59 0.10
CA LYS A 17 1.78 -8.29 -0.93
C LYS A 17 2.75 -7.23 -0.45
N GLY A 18 2.23 -6.03 -0.20
CA GLY A 18 3.07 -4.94 0.26
C GLY A 18 3.66 -4.13 -0.88
N PHE A 19 3.04 -4.23 -2.06
CA PHE A 19 3.51 -3.51 -3.23
C PHE A 19 2.54 -3.68 -4.40
N GLY A 20 2.50 -2.68 -5.27
CA GLY A 20 1.62 -2.74 -6.42
C GLY A 20 0.46 -1.77 -6.32
N LYS A 21 0.67 -0.68 -5.58
CA LYS A 21 -0.36 0.34 -5.40
C LYS A 21 0.24 1.65 -4.89
N GLY A 22 1.52 1.86 -5.21
CA GLY A 22 2.20 3.08 -4.77
C GLY A 22 3.10 2.84 -3.58
N ALA A 23 2.89 1.73 -2.88
CA ALA A 23 3.69 1.39 -1.72
C ALA A 23 5.17 1.29 -2.08
N ILE A 24 5.50 0.34 -2.95
CA ILE A 24 6.88 0.14 -3.39
C ILE A 24 7.33 1.27 -4.31
N LYS A 25 6.38 1.84 -5.05
CA LYS A 25 6.67 2.92 -5.97
C LYS A 25 7.18 4.15 -5.22
N GLU A 26 6.42 4.57 -4.22
CA GLU A 26 6.80 5.74 -3.42
C GLU A 26 7.94 5.40 -2.46
N GLY A 27 8.30 4.12 -2.41
CA GLY A 27 9.37 3.68 -1.52
C GLY A 27 10.70 3.61 -2.24
N ASN A 28 10.73 2.99 -3.40
CA ASN A 28 11.95 2.85 -4.19
C ASN A 28 12.37 4.19 -4.78
N LYS A 29 11.39 5.01 -5.14
CA LYS A 29 11.65 6.32 -5.72
C LYS A 29 12.06 7.32 -4.64
N ASP A 30 11.60 7.07 -3.42
CA ASP A 30 11.92 7.95 -2.30
C ASP A 30 13.42 7.91 -1.99
N LYS A 31 14.11 6.92 -2.53
CA LYS A 31 15.54 6.76 -2.31
C LYS A 31 16.30 7.99 -2.81
N TRP A 32 15.66 8.77 -3.67
CA TRP A 32 16.27 9.97 -4.22
C TRP A 32 16.65 10.95 -3.10
N LYS A 33 16.04 10.77 -1.94
CA LYS A 33 16.31 11.63 -0.79
C LYS A 33 17.80 11.60 -0.43
N ASN A 34 18.49 10.54 -0.87
CA ASN A 34 19.91 10.41 -0.60
C ASN A 34 20.67 9.97 -1.86
N ILE A 35 20.02 9.17 -2.67
CA ILE A 35 20.63 8.69 -3.91
C ILE A 35 21.84 7.82 -3.63
N LYS A 1 -21.40 3.27 11.31
CA LYS A 1 -20.61 2.35 10.48
C LYS A 1 -19.14 2.75 10.45
N LYS A 2 -18.29 1.82 10.04
CA LYS A 2 -16.86 2.08 9.95
C LYS A 2 -16.12 0.87 9.40
N TRP A 3 -16.59 -0.32 9.75
CA TRP A 3 -15.97 -1.56 9.29
C TRP A 3 -16.22 -1.76 7.80
N GLY A 4 -17.37 -1.27 7.33
CA GLY A 4 -17.71 -1.42 5.92
C GLY A 4 -16.85 -0.56 5.03
N TRP A 5 -16.43 0.60 5.54
CA TRP A 5 -15.60 1.52 4.77
C TRP A 5 -14.20 0.95 4.57
N LEU A 6 -13.75 0.13 5.51
CA LEU A 6 -12.43 -0.49 5.44
C LEU A 6 -12.45 -1.71 4.53
N ALA A 7 -13.58 -2.41 4.51
CA ALA A 7 -13.73 -3.60 3.68
C ALA A 7 -13.67 -3.24 2.20
N TRP A 8 -14.16 -2.06 1.86
CA TRP A 8 -14.16 -1.60 0.48
C TRP A 8 -12.74 -1.39 -0.04
N VAL A 9 -11.85 -1.00 0.87
CA VAL A 9 -10.45 -0.77 0.51
C VAL A 9 -9.76 -2.07 0.14
N ASP A 10 -10.22 -3.17 0.73
CA ASP A 10 -9.63 -4.48 0.45
C ASP A 10 -8.20 -4.55 0.95
N PRO A 11 -8.02 -4.52 2.27
CA PRO A 11 -6.70 -4.58 2.90
C PRO A 11 -6.05 -5.95 2.75
N ALA A 12 -6.87 -6.99 2.76
CA ALA A 12 -6.37 -8.36 2.62
C ALA A 12 -5.63 -8.53 1.30
N TYR A 13 -6.23 -8.08 0.21
CA TYR A 13 -5.63 -8.19 -1.11
C TYR A 13 -4.20 -7.65 -1.10
N GLU A 14 -4.07 -6.35 -0.86
CA GLU A 14 -2.76 -5.71 -0.83
C GLU A 14 -1.86 -6.37 0.21
N PHE A 15 -2.46 -6.85 1.30
CA PHE A 15 -1.71 -7.50 2.37
C PHE A 15 -1.07 -8.79 1.87
N ILE A 16 -1.78 -9.49 1.00
CA ILE A 16 -1.28 -10.75 0.44
C ILE A 16 -0.12 -10.50 -0.51
N LYS A 17 -0.23 -9.45 -1.30
CA LYS A 17 0.82 -9.09 -2.27
C LYS A 17 2.01 -8.46 -1.56
N GLY A 18 1.79 -7.29 -0.96
CA GLY A 18 2.85 -6.59 -0.27
C GLY A 18 3.60 -5.62 -1.15
N PHE A 19 2.97 -5.24 -2.27
CA PHE A 19 3.58 -4.31 -3.21
C PHE A 19 2.57 -3.87 -4.27
N GLY A 20 2.77 -2.67 -4.80
CA GLY A 20 1.87 -2.15 -5.81
C GLY A 20 0.81 -1.24 -5.23
N LYS A 21 1.18 -0.47 -4.21
CA LYS A 21 0.24 0.44 -3.57
C LYS A 21 0.98 1.48 -2.74
N GLY A 22 2.23 1.75 -3.11
CA GLY A 22 3.03 2.73 -2.38
C GLY A 22 4.12 2.08 -1.55
N ALA A 23 4.03 0.76 -1.39
CA ALA A 23 5.02 0.01 -0.62
C ALA A 23 6.33 -0.12 -1.39
N ILE A 24 6.28 -0.82 -2.52
CA ILE A 24 7.46 -1.02 -3.35
C ILE A 24 7.73 0.20 -4.23
N LYS A 25 6.67 0.90 -4.61
CA LYS A 25 6.79 2.08 -5.44
C LYS A 25 7.76 3.08 -4.83
N GLU A 26 7.57 3.37 -3.55
CA GLU A 26 8.44 4.32 -2.85
C GLU A 26 9.84 3.75 -2.66
N GLY A 27 9.98 2.45 -2.95
CA GLY A 27 11.27 1.79 -2.81
C GLY A 27 12.21 2.13 -3.95
N ASN A 28 11.65 2.32 -5.14
CA ASN A 28 12.45 2.64 -6.32
C ASN A 28 12.77 4.13 -6.37
N LYS A 29 11.78 4.95 -6.10
CA LYS A 29 11.95 6.41 -6.12
C LYS A 29 12.62 6.87 -4.83
N ASP A 30 12.85 5.95 -3.91
CA ASP A 30 13.49 6.27 -2.64
C ASP A 30 14.90 6.82 -2.85
N LYS A 31 15.44 6.60 -4.05
CA LYS A 31 16.78 7.07 -4.38
C LYS A 31 16.86 8.59 -4.28
N TRP A 32 15.69 9.25 -4.35
CA TRP A 32 15.63 10.70 -4.25
C TRP A 32 16.36 11.21 -3.02
N LYS A 33 16.40 10.38 -1.97
CA LYS A 33 17.07 10.73 -0.73
C LYS A 33 18.53 11.07 -0.98
N ASN A 34 19.09 10.52 -2.05
CA ASN A 34 20.48 10.76 -2.40
C ASN A 34 20.65 12.13 -3.05
N ILE A 35 20.85 13.15 -2.23
CA ILE A 35 21.02 14.51 -2.72
C ILE A 35 22.47 14.76 -3.13
N LYS A 1 -18.06 -1.84 0.01
CA LYS A 1 -17.05 -2.10 1.03
C LYS A 1 -16.35 -0.80 1.43
N LYS A 2 -16.06 -0.67 2.72
CA LYS A 2 -15.38 0.52 3.23
C LYS A 2 -13.87 0.33 3.22
N TRP A 3 -13.15 1.30 2.67
CA TRP A 3 -11.70 1.24 2.60
C TRP A 3 -11.08 1.52 3.96
N GLY A 4 -11.79 2.26 4.80
CA GLY A 4 -11.30 2.59 6.12
C GLY A 4 -11.56 1.49 7.12
N TRP A 5 -12.59 0.69 6.87
CA TRP A 5 -12.95 -0.40 7.76
C TRP A 5 -12.04 -1.61 7.53
N LEU A 6 -11.71 -1.87 6.27
CA LEU A 6 -10.84 -2.99 5.92
C LEU A 6 -9.39 -2.68 6.25
N ALA A 7 -9.14 -1.45 6.67
CA ALA A 7 -7.78 -1.03 7.02
C ALA A 7 -7.17 -1.97 8.07
N TRP A 8 -7.97 -2.33 9.07
CA TRP A 8 -7.51 -3.22 10.12
C TRP A 8 -7.86 -4.67 9.81
N VAL A 9 -8.85 -4.87 8.95
CA VAL A 9 -9.27 -6.21 8.56
C VAL A 9 -8.26 -6.86 7.63
N ASP A 10 -8.02 -6.22 6.48
CA ASP A 10 -7.07 -6.74 5.50
C ASP A 10 -6.54 -5.62 4.62
N PRO A 11 -5.64 -4.79 5.19
CA PRO A 11 -5.04 -3.66 4.47
C PRO A 11 -4.07 -4.13 3.39
N ALA A 12 -3.41 -5.24 3.63
CA ALA A 12 -2.45 -5.79 2.67
C ALA A 12 -3.15 -6.18 1.37
N TYR A 13 -4.31 -6.83 1.50
CA TYR A 13 -5.06 -7.27 0.32
C TYR A 13 -5.27 -6.12 -0.65
N GLU A 14 -6.00 -5.10 -0.20
CA GLU A 14 -6.27 -3.93 -1.04
C GLU A 14 -4.97 -3.24 -1.46
N PHE A 15 -3.97 -3.30 -0.58
CA PHE A 15 -2.68 -2.69 -0.87
C PHE A 15 -2.01 -3.35 -2.06
N ILE A 16 -2.21 -4.67 -2.19
CA ILE A 16 -1.62 -5.41 -3.29
C ILE A 16 -2.31 -5.09 -4.62
N LYS A 17 -3.63 -4.93 -4.56
CA LYS A 17 -4.42 -4.62 -5.75
C LYS A 17 -4.26 -3.15 -6.13
N GLY A 18 -3.95 -2.31 -5.15
CA GLY A 18 -3.77 -0.90 -5.40
C GLY A 18 -2.31 -0.49 -5.44
N PHE A 19 -1.63 -0.84 -6.53
CA PHE A 19 -0.22 -0.52 -6.69
C PHE A 19 -0.03 0.94 -7.07
N GLY A 20 -1.12 1.57 -7.53
CA GLY A 20 -1.06 2.96 -7.92
C GLY A 20 -1.79 3.87 -6.96
N LYS A 21 -1.41 3.81 -5.69
CA LYS A 21 -2.03 4.63 -4.66
C LYS A 21 -1.17 4.70 -3.41
N GLY A 22 0.14 4.51 -3.59
CA GLY A 22 1.05 4.55 -2.46
C GLY A 22 1.99 3.36 -2.43
N ALA A 23 1.55 2.25 -3.03
CA ALA A 23 2.36 1.03 -3.07
C ALA A 23 3.59 1.22 -3.97
N ILE A 24 3.35 1.65 -5.20
CA ILE A 24 4.42 1.88 -6.16
C ILE A 24 5.23 3.12 -5.79
N LYS A 25 4.58 4.08 -5.16
CA LYS A 25 5.24 5.32 -4.76
C LYS A 25 6.23 5.07 -3.63
N GLU A 26 5.76 4.38 -2.59
CA GLU A 26 6.61 4.08 -1.44
C GLU A 26 7.59 2.97 -1.77
N GLY A 27 7.44 2.38 -2.96
CA GLY A 27 8.33 1.31 -3.38
C GLY A 27 9.52 1.82 -4.15
N ASN A 28 9.29 2.75 -5.08
CA ASN A 28 10.36 3.31 -5.89
C ASN A 28 11.13 4.36 -5.10
N LYS A 29 10.43 5.11 -4.27
CA LYS A 29 11.04 6.16 -3.45
C LYS A 29 11.78 5.56 -2.26
N ASP A 30 11.39 4.35 -1.87
CA ASP A 30 12.02 3.66 -0.75
C ASP A 30 13.51 3.50 -0.98
N LYS A 31 13.91 3.48 -2.25
CA LYS A 31 15.31 3.33 -2.60
C LYS A 31 16.03 4.68 -2.57
N TRP A 32 15.31 5.74 -2.95
CA TRP A 32 15.88 7.08 -2.95
C TRP A 32 16.52 7.40 -1.61
N LYS A 33 15.96 6.87 -0.54
CA LYS A 33 16.48 7.11 0.80
C LYS A 33 17.63 6.15 1.12
N ASN A 34 17.59 4.97 0.51
CA ASN A 34 18.64 3.98 0.73
C ASN A 34 18.81 3.68 2.21
N ILE A 35 17.75 3.87 2.98
CA ILE A 35 17.79 3.63 4.42
C ILE A 35 16.39 3.65 5.01
N LYS A 1 -7.79 3.72 13.58
CA LYS A 1 -7.93 3.21 12.22
C LYS A 1 -6.63 3.38 11.44
N LYS A 2 -6.33 2.41 10.59
CA LYS A 2 -5.12 2.45 9.78
C LYS A 2 -5.05 1.23 8.85
N TRP A 3 -5.54 0.10 9.32
CA TRP A 3 -5.53 -1.12 8.53
C TRP A 3 -6.74 -1.17 7.60
N GLY A 4 -7.84 -0.57 8.04
CA GLY A 4 -9.04 -0.56 7.23
C GLY A 4 -9.13 0.66 6.34
N TRP A 5 -8.60 1.78 6.81
CA TRP A 5 -8.61 3.02 6.03
C TRP A 5 -7.70 2.91 4.82
N LEU A 6 -6.67 2.09 4.92
CA LEU A 6 -5.73 1.91 3.83
C LEU A 6 -6.26 0.91 2.81
N ALA A 7 -7.15 0.03 3.26
CA ALA A 7 -7.74 -0.97 2.39
C ALA A 7 -8.70 -0.33 1.38
N TRP A 8 -9.15 0.88 1.69
CA TRP A 8 -10.06 1.61 0.82
C TRP A 8 -9.30 2.54 -0.12
N VAL A 9 -8.01 2.74 0.17
CA VAL A 9 -7.17 3.60 -0.65
C VAL A 9 -6.96 3.01 -2.03
N ASP A 10 -6.67 1.72 -2.08
CA ASP A 10 -6.44 1.03 -3.34
C ASP A 10 -6.28 -0.46 -3.14
N PRO A 11 -7.39 -1.14 -2.79
CA PRO A 11 -7.40 -2.58 -2.55
C PRO A 11 -7.18 -3.38 -3.84
N ALA A 12 -7.66 -2.85 -4.95
CA ALA A 12 -7.52 -3.52 -6.23
C ALA A 12 -6.05 -3.67 -6.62
N TYR A 13 -5.28 -2.60 -6.43
CA TYR A 13 -3.86 -2.62 -6.75
C TYR A 13 -3.16 -3.81 -6.11
N GLU A 14 -3.14 -3.83 -4.78
CA GLU A 14 -2.51 -4.91 -4.04
C GLU A 14 -3.15 -6.26 -4.38
N PHE A 15 -4.45 -6.22 -4.67
CA PHE A 15 -5.18 -7.44 -5.02
C PHE A 15 -4.65 -8.05 -6.31
N ILE A 16 -4.26 -7.17 -7.24
CA ILE A 16 -3.73 -7.62 -8.52
C ILE A 16 -2.34 -8.24 -8.37
N LYS A 17 -1.53 -7.63 -7.50
CA LYS A 17 -0.17 -8.12 -7.26
C LYS A 17 -0.19 -9.36 -6.38
N GLY A 18 -0.65 -9.20 -5.14
CA GLY A 18 -0.71 -10.32 -4.22
C GLY A 18 0.31 -10.22 -3.11
N PHE A 19 1.35 -9.41 -3.34
CA PHE A 19 2.40 -9.23 -2.34
C PHE A 19 1.93 -8.32 -1.21
N GLY A 20 2.07 -8.80 0.02
CA GLY A 20 1.66 -8.02 1.18
C GLY A 20 2.70 -8.02 2.28
N LYS A 21 3.89 -7.53 1.98
CA LYS A 21 4.98 -7.47 2.96
C LYS A 21 6.04 -6.48 2.53
N GLY A 22 6.34 -6.46 1.23
CA GLY A 22 7.34 -5.55 0.71
C GLY A 22 6.86 -4.80 -0.51
N ALA A 23 6.23 -5.50 -1.44
CA ALA A 23 5.73 -4.88 -2.65
C ALA A 23 4.61 -3.89 -2.35
N ILE A 24 3.80 -4.21 -1.34
CA ILE A 24 2.70 -3.34 -0.94
C ILE A 24 3.19 -2.19 -0.08
N LYS A 25 4.24 -2.44 0.68
CA LYS A 25 4.82 -1.42 1.55
C LYS A 25 5.59 -0.38 0.75
N GLU A 26 6.47 -0.86 -0.14
CA GLU A 26 7.26 0.03 -0.98
C GLU A 26 6.41 0.65 -2.09
N GLY A 27 5.17 0.19 -2.20
CA GLY A 27 4.28 0.70 -3.22
C GLY A 27 3.47 1.90 -2.73
N ASN A 28 2.87 1.75 -1.55
CA ASN A 28 2.06 2.81 -0.96
C ASN A 28 2.95 3.93 -0.41
N LYS A 29 4.10 3.55 0.14
CA LYS A 29 5.03 4.52 0.70
C LYS A 29 5.83 5.21 -0.40
N ASP A 30 5.86 4.59 -1.57
CA ASP A 30 6.59 5.15 -2.71
C ASP A 30 6.07 6.55 -3.04
N LYS A 31 4.81 6.80 -2.73
CA LYS A 31 4.20 8.10 -3.00
C LYS A 31 4.51 9.09 -1.88
N TRP A 32 4.57 8.57 -0.65
CA TRP A 32 4.86 9.41 0.51
C TRP A 32 6.11 10.25 0.28
N LYS A 33 7.04 9.71 -0.50
CA LYS A 33 8.28 10.41 -0.81
C LYS A 33 8.01 11.77 -1.44
N ASN A 34 6.93 11.84 -2.23
CA ASN A 34 6.55 13.08 -2.90
C ASN A 34 5.85 14.03 -1.93
N ILE A 35 6.57 14.45 -0.90
CA ILE A 35 6.01 15.36 0.10
C ILE A 35 5.87 16.77 -0.46
N LYS A 1 -9.74 7.30 8.16
CA LYS A 1 -11.17 7.64 8.17
C LYS A 1 -11.98 6.57 8.87
N LYS A 2 -11.91 5.35 8.35
CA LYS A 2 -12.64 4.22 8.93
C LYS A 2 -11.96 2.90 8.60
N TRP A 3 -11.55 2.18 9.63
CA TRP A 3 -10.89 0.89 9.45
C TRP A 3 -11.89 -0.20 9.13
N GLY A 4 -13.09 -0.07 9.69
CA GLY A 4 -14.13 -1.06 9.44
C GLY A 4 -14.50 -1.17 7.98
N TRP A 5 -14.41 -0.06 7.25
CA TRP A 5 -14.73 -0.03 5.84
C TRP A 5 -13.86 -1.02 5.06
N LEU A 6 -12.54 -0.85 5.19
CA LEU A 6 -11.61 -1.73 4.50
C LEU A 6 -11.41 -3.03 5.26
N ALA A 7 -11.95 -3.08 6.48
CA ALA A 7 -11.84 -4.28 7.31
C ALA A 7 -12.29 -5.52 6.54
N TRP A 8 -13.44 -5.42 5.89
CA TRP A 8 -13.99 -6.52 5.12
C TRP A 8 -13.43 -6.54 3.70
N VAL A 9 -12.97 -5.37 3.24
CA VAL A 9 -12.42 -5.25 1.91
C VAL A 9 -11.10 -6.01 1.78
N ASP A 10 -10.32 -6.00 2.85
CA ASP A 10 -9.04 -6.70 2.87
C ASP A 10 -8.06 -6.06 1.88
N PRO A 11 -7.63 -4.83 2.18
CA PRO A 11 -6.69 -4.08 1.33
C PRO A 11 -5.29 -4.68 1.35
N ALA A 12 -4.91 -5.23 2.50
CA ALA A 12 -3.59 -5.83 2.65
C ALA A 12 -3.40 -6.98 1.67
N TYR A 13 -4.39 -7.86 1.59
CA TYR A 13 -4.33 -9.01 0.68
C TYR A 13 -3.99 -8.56 -0.73
N GLU A 14 -4.88 -7.79 -1.35
CA GLU A 14 -4.66 -7.30 -2.70
C GLU A 14 -3.36 -6.50 -2.80
N PHE A 15 -3.02 -5.81 -1.71
CA PHE A 15 -1.82 -5.00 -1.67
C PHE A 15 -0.57 -5.88 -1.80
N ILE A 16 -0.63 -7.06 -1.19
CA ILE A 16 0.49 -8.00 -1.23
C ILE A 16 0.67 -8.57 -2.63
N LYS A 17 -0.44 -8.87 -3.29
CA LYS A 17 -0.42 -9.43 -4.63
C LYS A 17 -0.09 -8.35 -5.66
N GLY A 18 -0.45 -7.11 -5.36
CA GLY A 18 -0.19 -6.02 -6.26
C GLY A 18 1.03 -5.21 -5.86
N PHE A 19 2.21 -5.77 -6.10
CA PHE A 19 3.46 -5.10 -5.76
C PHE A 19 3.77 -3.98 -6.74
N GLY A 20 3.14 -4.04 -7.91
CA GLY A 20 3.35 -3.02 -8.91
C GLY A 20 2.21 -2.02 -8.98
N LYS A 21 2.11 -1.18 -7.95
CA LYS A 21 1.06 -0.17 -7.89
C LYS A 21 1.16 0.65 -6.61
N GLY A 22 1.61 0.00 -5.54
CA GLY A 22 1.76 0.69 -4.27
C GLY A 22 2.94 0.20 -3.47
N ALA A 23 3.16 -1.12 -3.50
CA ALA A 23 4.28 -1.72 -2.77
C ALA A 23 5.61 -1.29 -3.36
N ILE A 24 5.72 -1.30 -4.68
CA ILE A 24 6.93 -0.91 -5.37
C ILE A 24 7.05 0.61 -5.46
N LYS A 25 5.92 1.28 -5.52
CA LYS A 25 5.88 2.74 -5.62
C LYS A 25 6.32 3.37 -4.30
N GLU A 26 5.68 2.95 -3.20
CA GLU A 26 6.00 3.48 -1.89
C GLU A 26 7.35 2.96 -1.40
N GLY A 27 7.92 2.01 -2.15
CA GLY A 27 9.20 1.44 -1.78
C GLY A 27 10.36 2.17 -2.44
N ASN A 28 10.28 2.34 -3.75
CA ASN A 28 11.34 3.02 -4.49
C ASN A 28 11.35 4.51 -4.18
N LYS A 29 10.16 5.07 -3.96
CA LYS A 29 10.02 6.49 -3.66
C LYS A 29 10.41 6.77 -2.20
N ASP A 30 10.28 5.76 -1.36
CA ASP A 30 10.62 5.89 0.05
C ASP A 30 12.07 6.35 0.23
N LYS A 31 12.89 6.04 -0.75
CA LYS A 31 14.30 6.41 -0.71
C LYS A 31 14.50 7.84 -1.22
N TRP A 32 13.70 8.24 -2.19
CA TRP A 32 13.78 9.58 -2.75
C TRP A 32 13.73 10.63 -1.65
N LYS A 33 13.03 10.32 -0.56
CA LYS A 33 12.91 11.24 0.55
C LYS A 33 14.28 11.61 1.11
N ASN A 34 15.21 10.67 1.05
CA ASN A 34 16.56 10.91 1.55
C ASN A 34 16.54 11.37 3.00
N ILE A 35 15.49 10.99 3.72
CA ILE A 35 15.35 11.37 5.12
C ILE A 35 16.33 10.60 6.00
#